data_6RTJ
#
_entry.id   6RTJ
#
_cell.length_a   142.665
_cell.length_b   102.187
_cell.length_c   58.521
_cell.angle_alpha   90.00
_cell.angle_beta   112.89
_cell.angle_gamma   90.00
#
_symmetry.space_group_name_H-M   'C 1 2 1'
#
loop_
_entity.id
_entity.type
_entity.pdbx_description
1 polymer 'Thioredoxin glutathione reductase'
2 non-polymer 'FLAVIN-ADENINE DINUCLEOTIDE'
3 non-polymer 'TETRAETHYLENE GLYCOL'
4 non-polymer 1-[(dimethylamino)methyl]naphthalen-2-ol
5 non-polymer 'TRIETHYLENE GLYCOL'
6 non-polymer 'CALCIUM ION'
7 water water
#
_entity_poly.entity_id   1
_entity_poly.type   'polypeptide(L)'
_entity_poly.pdbx_seq_one_letter_code
;MPPADGTSQWLRKTVDSAAVILFSKTTCPYCKKVKDVLAEAKIKHATIELDQLSNGSAIQKCLASFSKIETVPQMFVRGK
FIGDSQTVLKYYSNDELAGIVNESKYDYDLIVIGGGSGGLAAGKEAAKYGAKTAVLDYVEPTPIGTTWGLGGTCVNVGCI
PKKLMHQAGLLSHALEDAEHFGWSLDRSKISHNWSTMVEGVQSHIGSLNWGYKVALRDNQVTYLNAKGRLISPHEVQITD
KNQKVSTITGNKIILATGERPKYPEIPGAVEYGITSDDLFSLPYFPGKTLVIGASYVALECAGFLASLGGDVTVMVRSIL
LRGFDQQMAEKVGDYMENHGVKFAKLCVPDEIKQLKVVDTENNKPGLLLVKGHYTDGKKFEEEFETVIFAVGREPQLSKV
LCETVGVKLDKNGRVVCTDDEQTTVSNVYAIGDINAGKPQLTPVAIQAGRYLARRLFAGATELTDYSNVATTVFTPLEYG
ACGLSEEDAIEKYGDKDIEVYHSNFKPLEWTVAHREDNVCYMKLVCRKSDNMRVLGLHVLGPNAGEITQGYAVAIKMGAT
KADFDRTIGIHPTCSETFTTLHVTKKSGVSPIVSGCUG
;
_entity_poly.pdbx_strand_id   A
#
loop_
_chem_comp.id
_chem_comp.type
_chem_comp.name
_chem_comp.formula
CA non-polymer 'CALCIUM ION' 'Ca 2'
FAD non-polymer 'FLAVIN-ADENINE DINUCLEOTIDE' 'C27 H33 N9 O15 P2'
FXH non-polymer 1-[(dimethylamino)methyl]naphthalen-2-ol 'C13 H15 N O'
PG4 non-polymer 'TETRAETHYLENE GLYCOL' 'C8 H18 O5'
PGE non-polymer 'TRIETHYLENE GLYCOL' 'C6 H14 O4'
#
# COMPACT_ATOMS: atom_id res chain seq x y z
N GLY A 6 -26.72 -0.97 22.54
CA GLY A 6 -25.68 -1.49 21.67
C GLY A 6 -26.11 -1.63 20.22
N THR A 7 -27.24 -2.31 20.02
CA THR A 7 -27.86 -2.38 18.70
C THR A 7 -28.45 -1.04 18.27
N SER A 8 -28.91 -0.23 19.23
CA SER A 8 -29.45 1.07 18.83
C SER A 8 -28.33 2.02 18.41
N GLN A 9 -27.18 1.95 19.08
CA GLN A 9 -26.03 2.72 18.62
C GLN A 9 -25.71 2.42 17.15
N TRP A 10 -25.59 1.13 16.83
CA TRP A 10 -25.22 0.74 15.48
C TRP A 10 -26.26 1.24 14.47
N LEU A 11 -27.53 1.08 14.81
CA LEU A 11 -28.59 1.47 13.88
C LEU A 11 -28.66 2.97 13.70
N ARG A 12 -28.42 3.72 14.77
CA ARG A 12 -28.43 5.18 14.69
C ARG A 12 -27.35 5.68 13.76
N LYS A 13 -26.14 5.14 13.90
CA LYS A 13 -25.02 5.49 13.03
C LYS A 13 -25.31 5.11 11.58
N THR A 14 -25.81 3.90 11.37
CA THR A 14 -26.05 3.39 10.02
C THR A 14 -27.06 4.25 9.29
N VAL A 15 -28.21 4.50 9.92
CA VAL A 15 -29.26 5.31 9.29
C VAL A 15 -28.74 6.71 8.98
N ASP A 16 -28.03 7.33 9.94
CA ASP A 16 -27.54 8.70 9.76
C ASP A 16 -26.57 8.80 8.58
N SER A 17 -25.81 7.74 8.33
CA SER A 17 -24.66 7.77 7.43
C SER A 17 -24.98 7.27 6.03
N ALA A 18 -25.72 6.17 5.92
CA ALA A 18 -26.01 5.60 4.61
C ALA A 18 -26.63 6.63 3.68
N ALA A 19 -26.21 6.60 2.41
CA ALA A 19 -26.75 7.51 1.40
C ALA A 19 -28.15 7.05 0.99
N VAL A 20 -28.24 5.78 0.63
CA VAL A 20 -29.48 5.14 0.20
C VAL A 20 -29.36 3.72 0.69
N ILE A 21 -30.20 3.35 1.65
CA ILE A 21 -30.14 2.02 2.24
C ILE A 21 -31.57 1.49 2.36
N LEU A 22 -31.69 0.19 2.16
CA LEU A 22 -32.95 -0.53 2.22
C LEU A 22 -32.77 -1.62 3.25
N PHE A 23 -33.62 -1.63 4.27
CA PHE A 23 -33.73 -2.75 5.19
C PHE A 23 -34.75 -3.73 4.61
N SER A 24 -34.51 -5.01 4.84
CA SER A 24 -35.12 -6.01 3.98
C SER A 24 -35.00 -7.40 4.63
N LYS A 25 -35.67 -8.36 4.02
CA LYS A 25 -35.47 -9.78 4.31
C LYS A 25 -35.48 -10.54 2.98
N THR A 26 -34.86 -11.72 2.99
CA THR A 26 -34.79 -12.54 1.77
C THR A 26 -36.18 -12.99 1.33
N THR A 27 -37.02 -13.36 2.30
CA THR A 27 -38.31 -14.00 2.07
C THR A 27 -39.43 -12.95 2.07
N CYS A 28 -39.29 -11.96 1.18
CA CYS A 28 -40.14 -10.76 1.21
C CYS A 28 -40.38 -10.29 -0.22
N PRO A 29 -41.55 -10.59 -0.79
CA PRO A 29 -41.80 -10.18 -2.18
C PRO A 29 -41.86 -8.67 -2.35
N TYR A 30 -42.55 -7.99 -1.43
CA TYR A 30 -42.61 -6.53 -1.49
C TYR A 30 -41.22 -5.91 -1.47
N CYS A 31 -40.27 -6.52 -0.74
CA CYS A 31 -38.89 -6.04 -0.80
C CYS A 31 -38.34 -6.18 -2.22
N LYS A 32 -38.48 -7.37 -2.81
CA LYS A 32 -38.04 -7.57 -4.17
C LYS A 32 -38.67 -6.53 -5.10
N LYS A 33 -39.97 -6.26 -4.91
CA LYS A 33 -40.61 -5.21 -5.69
C LYS A 33 -39.87 -3.89 -5.54
N VAL A 34 -39.44 -3.58 -4.32
CA VAL A 34 -38.67 -2.36 -4.08
C VAL A 34 -37.32 -2.46 -4.80
N LYS A 35 -36.60 -3.57 -4.57
CA LYS A 35 -35.31 -3.75 -5.25
C LYS A 35 -35.45 -3.58 -6.76
N ASP A 36 -36.53 -4.11 -7.33
CA ASP A 36 -36.70 -4.09 -8.77
C ASP A 36 -36.94 -2.69 -9.29
N VAL A 37 -37.88 -1.97 -8.66
CA VAL A 37 -38.10 -0.58 -9.01
C VAL A 37 -36.79 0.20 -8.96
N LEU A 38 -35.97 -0.05 -7.92
CA LEU A 38 -34.72 0.69 -7.77
C LEU A 38 -33.72 0.28 -8.85
N ALA A 39 -33.54 -1.02 -9.04
CA ALA A 39 -32.74 -1.50 -10.16
C ALA A 39 -33.25 -0.93 -11.48
N GLU A 40 -34.54 -1.12 -11.77
CA GLU A 40 -35.13 -0.54 -12.96
C GLU A 40 -34.74 0.93 -13.11
N ALA A 41 -34.82 1.69 -12.02
CA ALA A 41 -34.53 3.11 -12.08
C ALA A 41 -33.04 3.43 -12.04
N LYS A 42 -32.16 2.42 -11.96
CA LYS A 42 -30.72 2.66 -11.93
C LYS A 42 -30.34 3.44 -10.66
N ILE A 43 -30.93 3.03 -9.54
CA ILE A 43 -30.72 3.66 -8.24
C ILE A 43 -29.93 2.65 -7.41
N LYS A 44 -28.66 2.97 -7.16
CA LYS A 44 -27.81 2.09 -6.36
C LYS A 44 -28.10 2.34 -4.89
N HIS A 45 -27.93 1.30 -4.09
CA HIS A 45 -28.26 1.36 -2.66
C HIS A 45 -27.61 0.17 -1.97
N ALA A 46 -27.44 0.33 -0.67
CA ALA A 46 -27.15 -0.78 0.22
C ALA A 46 -28.43 -1.51 0.57
N THR A 47 -28.26 -2.70 1.15
CA THR A 47 -29.35 -3.58 1.53
C THR A 47 -28.88 -4.42 2.72
N ILE A 48 -29.71 -4.52 3.76
CA ILE A 48 -29.41 -5.35 4.93
C ILE A 48 -30.57 -6.30 5.14
N GLU A 49 -30.33 -7.58 4.86
CA GLU A 49 -31.35 -8.62 5.03
C GLU A 49 -31.37 -9.03 6.50
N LEU A 50 -32.41 -8.58 7.21
CA LEU A 50 -32.48 -8.83 8.65
C LEU A 50 -32.64 -10.31 8.98
N ASP A 51 -33.21 -11.11 8.06
CA ASP A 51 -33.33 -12.56 8.30
C ASP A 51 -32.01 -13.27 8.19
N GLN A 52 -30.89 -12.56 8.15
CA GLN A 52 -29.58 -13.18 8.13
C GLN A 52 -28.65 -12.58 9.18
N LEU A 53 -29.22 -12.00 10.24
CA LEU A 53 -28.44 -11.48 11.35
C LEU A 53 -28.83 -12.16 12.64
N SER A 54 -27.84 -12.34 13.52
CA SER A 54 -28.13 -12.92 14.83
C SER A 54 -29.23 -12.14 15.53
N ASN A 55 -29.28 -10.83 15.35
CA ASN A 55 -30.22 -9.94 16.02
C ASN A 55 -31.06 -9.15 15.03
N GLY A 56 -31.36 -9.73 13.87
CA GLY A 56 -32.16 -9.03 12.89
C GLY A 56 -33.53 -8.63 13.43
N SER A 57 -34.07 -9.41 14.36
CA SER A 57 -35.41 -9.13 14.84
C SER A 57 -35.42 -8.08 15.94
N ALA A 58 -34.32 -7.95 16.69
CA ALA A 58 -34.17 -6.77 17.53
C ALA A 58 -34.01 -5.52 16.66
N ILE A 59 -33.31 -5.65 15.54
CA ILE A 59 -33.13 -4.52 14.65
C ILE A 59 -34.46 -4.09 14.07
N GLN A 60 -35.29 -5.06 13.68
CA GLN A 60 -36.58 -4.73 13.11
C GLN A 60 -37.40 -3.88 14.06
N LYS A 61 -37.19 -4.05 15.37
CA LYS A 61 -37.95 -3.29 16.38
C LYS A 61 -37.39 -1.88 16.54
N CYS A 62 -36.09 -1.75 16.82
CA CYS A 62 -35.51 -0.42 16.96
C CYS A 62 -35.76 0.43 15.73
N LEU A 63 -35.97 -0.18 14.57
CA LEU A 63 -36.24 0.58 13.37
C LEU A 63 -37.45 1.50 13.54
N ALA A 64 -38.46 1.04 14.27
CA ALA A 64 -39.65 1.88 14.47
C ALA A 64 -39.33 3.16 15.22
N SER A 65 -38.20 3.21 15.95
CA SER A 65 -37.74 4.48 16.48
C SER A 65 -37.33 5.46 15.38
N PHE A 66 -37.14 4.98 14.16
CA PHE A 66 -36.83 5.83 13.03
C PHE A 66 -37.98 5.99 12.06
N SER A 67 -38.72 4.91 11.79
CA SER A 67 -39.77 4.94 10.78
C SER A 67 -41.17 5.06 11.37
N LYS A 68 -41.38 4.65 12.61
CA LYS A 68 -42.69 4.44 13.23
C LYS A 68 -43.36 3.16 12.74
N ILE A 69 -42.62 2.29 12.04
CA ILE A 69 -43.12 0.98 11.66
C ILE A 69 -42.03 -0.06 11.90
N GLU A 70 -42.44 -1.33 11.91
CA GLU A 70 -41.56 -2.45 12.20
C GLU A 70 -41.56 -3.51 11.09
N THR A 71 -42.10 -3.20 9.92
CA THR A 71 -42.16 -4.14 8.83
C THR A 71 -41.09 -3.84 7.78
N VAL A 72 -40.80 -4.85 6.96
CA VAL A 72 -39.90 -4.69 5.83
C VAL A 72 -40.74 -4.70 4.56
N PRO A 73 -40.36 -3.95 3.53
CA PRO A 73 -39.12 -3.17 3.48
C PRO A 73 -39.21 -1.80 4.13
N GLN A 74 -38.05 -1.25 4.48
CA GLN A 74 -37.93 0.13 4.91
C GLN A 74 -36.79 0.79 4.15
N MET A 75 -37.05 1.93 3.54
CA MET A 75 -36.04 2.58 2.72
C MET A 75 -35.70 3.93 3.33
N PHE A 76 -34.39 4.19 3.50
CA PHE A 76 -33.89 5.45 4.01
C PHE A 76 -33.00 6.15 2.98
N VAL A 77 -32.99 7.48 3.04
CA VAL A 77 -32.09 8.30 2.24
C VAL A 77 -31.48 9.35 3.16
N ARG A 78 -30.16 9.27 3.33
CA ARG A 78 -29.41 10.29 4.05
C ARG A 78 -30.11 10.67 5.36
N GLY A 79 -30.48 9.65 6.14
CA GLY A 79 -30.93 9.84 7.50
C GLY A 79 -32.43 9.89 7.69
N LYS A 80 -33.21 9.88 6.61
CA LYS A 80 -34.66 10.07 6.65
C LYS A 80 -35.34 8.82 6.11
N PHE A 81 -36.30 8.31 6.88
CA PHE A 81 -37.19 7.28 6.38
C PHE A 81 -37.93 7.80 5.16
N ILE A 82 -37.82 7.07 4.06
CA ILE A 82 -38.44 7.46 2.80
C ILE A 82 -39.78 6.80 2.61
N GLY A 83 -39.91 5.53 2.95
CA GLY A 83 -41.20 4.89 2.97
C GLY A 83 -41.10 3.38 2.97
N ASP A 84 -42.26 2.75 3.14
CA ASP A 84 -42.48 1.33 2.88
C ASP A 84 -42.55 1.10 1.37
N SER A 85 -42.96 -0.11 0.97
CA SER A 85 -43.10 -0.40 -0.47
C SER A 85 -43.99 0.63 -1.16
N GLN A 86 -45.21 0.82 -0.65
CA GLN A 86 -46.20 1.63 -1.36
C GLN A 86 -45.75 3.07 -1.51
N THR A 87 -45.01 3.61 -0.53
CA THR A 87 -44.56 4.99 -0.67
C THR A 87 -43.43 5.09 -1.68
N VAL A 88 -42.62 4.04 -1.80
CA VAL A 88 -41.58 4.00 -2.83
C VAL A 88 -42.23 3.99 -4.21
N LEU A 89 -43.11 3.02 -4.44
CA LEU A 89 -43.84 2.97 -5.70
C LEU A 89 -44.58 4.29 -5.98
N LYS A 90 -45.23 4.85 -4.96
CA LYS A 90 -45.86 6.15 -5.13
C LYS A 90 -44.90 7.16 -5.73
N TYR A 91 -43.70 7.30 -5.13
CA TYR A 91 -42.72 8.28 -5.61
C TYR A 91 -42.30 7.98 -7.05
N TYR A 92 -42.08 6.71 -7.35
CA TYR A 92 -41.70 6.25 -8.68
C TYR A 92 -42.72 6.66 -9.73
N SER A 93 -43.91 6.05 -9.63
CA SER A 93 -44.99 6.28 -10.57
C SER A 93 -45.18 7.77 -10.86
N ASN A 94 -45.03 8.60 -9.83
CA ASN A 94 -45.11 10.05 -9.99
C ASN A 94 -43.78 10.66 -10.41
N ASP A 95 -42.80 9.81 -10.75
CA ASP A 95 -41.43 10.23 -11.07
C ASP A 95 -40.97 11.34 -10.14
N GLU A 96 -41.12 11.10 -8.84
CA GLU A 96 -40.52 11.92 -7.80
C GLU A 96 -39.34 11.23 -7.13
N LEU A 97 -39.10 9.95 -7.45
CA LEU A 97 -38.08 9.18 -6.75
C LEU A 97 -36.68 9.71 -7.04
N ALA A 98 -36.40 10.11 -8.30
CA ALA A 98 -35.08 10.64 -8.65
C ALA A 98 -34.72 11.84 -7.80
N GLY A 99 -35.58 12.86 -7.76
CA GLY A 99 -35.28 14.03 -6.94
C GLY A 99 -35.24 13.73 -5.46
N ILE A 100 -35.88 12.64 -5.05
CA ILE A 100 -35.87 12.26 -3.65
C ILE A 100 -34.52 11.65 -3.27
N VAL A 101 -34.08 10.60 -3.97
CA VAL A 101 -32.81 9.94 -3.67
C VAL A 101 -31.63 10.84 -4.04
N ASN A 102 -31.89 11.98 -4.67
CA ASN A 102 -30.85 12.94 -4.99
C ASN A 102 -30.82 14.15 -4.06
N GLU A 103 -31.78 14.26 -3.13
CA GLU A 103 -31.82 15.43 -2.25
C GLU A 103 -30.76 15.29 -1.16
N SER A 104 -29.94 16.33 -1.00
CA SER A 104 -28.92 16.30 0.03
C SER A 104 -28.52 17.73 0.32
N LYS A 105 -28.07 17.97 1.56
CA LYS A 105 -27.50 19.27 1.83
C LYS A 105 -26.18 19.48 1.15
N TYR A 106 -25.56 18.40 0.65
CA TYR A 106 -24.21 18.47 0.12
C TYR A 106 -24.17 18.06 -1.35
N ASP A 107 -23.18 18.60 -2.05
CA ASP A 107 -22.97 18.18 -3.43
C ASP A 107 -22.77 16.68 -3.48
N TYR A 108 -22.04 16.13 -2.50
CA TYR A 108 -21.66 14.73 -2.55
C TYR A 108 -21.84 14.06 -1.20
N ASP A 109 -22.14 12.77 -1.23
CA ASP A 109 -22.11 12.00 0.00
C ASP A 109 -20.68 11.75 0.48
N LEU A 110 -19.74 11.68 -0.45
CA LEU A 110 -18.33 11.43 -0.13
C LEU A 110 -17.46 12.22 -1.09
N ILE A 111 -16.51 12.94 -0.52
CA ILE A 111 -15.40 13.47 -1.26
C ILE A 111 -14.14 12.78 -0.76
N VAL A 112 -13.42 12.13 -1.67
CA VAL A 112 -12.10 11.58 -1.40
C VAL A 112 -11.07 12.55 -1.92
N ILE A 113 -10.19 13.01 -1.04
CA ILE A 113 -9.06 13.84 -1.40
C ILE A 113 -7.87 12.89 -1.53
N GLY A 114 -7.51 12.58 -2.77
CA GLY A 114 -6.38 11.75 -3.10
C GLY A 114 -6.77 10.53 -3.90
N GLY A 115 -6.24 10.43 -5.14
CA GLY A 115 -6.63 9.37 -6.05
C GLY A 115 -5.65 8.22 -6.09
N GLY A 116 -5.24 7.72 -4.91
CA GLY A 116 -4.28 6.66 -4.81
C GLY A 116 -4.92 5.32 -4.45
N SER A 117 -4.08 4.41 -3.99
CA SER A 117 -4.52 3.07 -3.61
C SER A 117 -5.76 3.13 -2.68
N GLY A 118 -5.62 3.83 -1.56
CA GLY A 118 -6.73 3.86 -0.61
C GLY A 118 -7.92 4.63 -1.16
N GLY A 119 -7.67 5.84 -1.65
CA GLY A 119 -8.78 6.71 -2.03
C GLY A 119 -9.62 6.15 -3.18
N LEU A 120 -8.97 5.59 -4.21
CA LEU A 120 -9.74 4.99 -5.30
C LEU A 120 -10.54 3.80 -4.81
N ALA A 121 -9.97 2.97 -3.93
CA ALA A 121 -10.72 1.82 -3.45
C ALA A 121 -11.92 2.26 -2.62
N ALA A 122 -11.71 3.24 -1.76
CA ALA A 122 -12.83 3.76 -0.95
C ALA A 122 -13.91 4.34 -1.86
N GLY A 123 -13.49 5.17 -2.82
CA GLY A 123 -14.47 5.82 -3.68
C GLY A 123 -15.36 4.86 -4.42
N LYS A 124 -14.76 3.87 -5.12
CA LYS A 124 -15.53 2.88 -5.85
C LYS A 124 -16.47 2.14 -4.92
N GLU A 125 -15.96 1.69 -3.79
CA GLU A 125 -16.80 0.85 -2.94
C GLU A 125 -18.01 1.63 -2.46
N ALA A 126 -17.83 2.91 -2.17
CA ALA A 126 -18.91 3.76 -1.67
C ALA A 126 -19.97 3.98 -2.74
N ALA A 127 -19.54 4.32 -3.95
CA ALA A 127 -20.47 4.49 -5.05
C ALA A 127 -21.35 3.25 -5.22
N LYS A 128 -20.80 2.06 -4.97
CA LYS A 128 -21.58 0.83 -5.05
C LYS A 128 -22.90 0.93 -4.30
N TYR A 129 -22.90 1.57 -3.13
CA TYR A 129 -24.10 1.63 -2.31
C TYR A 129 -24.82 2.96 -2.42
N GLY A 130 -24.65 3.68 -3.53
CA GLY A 130 -25.46 4.85 -3.77
C GLY A 130 -24.86 6.13 -3.29
N ALA A 131 -23.70 6.09 -2.65
CA ALA A 131 -23.05 7.30 -2.23
C ALA A 131 -22.59 8.10 -3.44
N LYS A 132 -23.07 9.33 -3.55
CA LYS A 132 -22.61 10.19 -4.62
C LYS A 132 -21.20 10.62 -4.25
N THR A 133 -20.26 10.29 -5.12
CA THR A 133 -18.86 10.34 -4.76
C THR A 133 -18.06 11.19 -5.73
N ALA A 134 -17.11 11.92 -5.18
CA ALA A 134 -16.13 12.61 -5.97
C ALA A 134 -14.74 12.20 -5.49
N VAL A 135 -13.85 11.96 -6.44
CA VAL A 135 -12.46 11.65 -6.15
C VAL A 135 -11.64 12.79 -6.72
N LEU A 136 -10.86 13.43 -5.87
CA LEU A 136 -9.93 14.46 -6.29
C LEU A 136 -8.52 13.87 -6.34
N ASP A 137 -7.80 14.13 -7.42
CA ASP A 137 -6.39 13.78 -7.45
C ASP A 137 -5.60 14.83 -8.22
N TYR A 138 -4.43 15.15 -7.70
CA TYR A 138 -3.48 16.08 -8.30
C TYR A 138 -2.08 15.62 -7.90
N VAL A 139 -1.18 15.69 -8.84
CA VAL A 139 0.18 15.20 -8.65
C VAL A 139 1.11 16.40 -8.71
N GLU A 140 1.52 16.88 -7.54
CA GLU A 140 2.46 18.00 -7.51
C GLU A 140 3.75 17.55 -8.19
N PRO A 141 4.25 18.29 -9.19
CA PRO A 141 5.48 17.89 -9.88
C PRO A 141 6.66 17.75 -8.93
N THR A 142 7.62 16.91 -9.32
CA THR A 142 8.87 16.87 -8.60
C THR A 142 9.69 18.09 -8.98
N PRO A 143 10.80 18.33 -8.29
CA PRO A 143 11.62 19.52 -8.60
C PRO A 143 12.10 19.57 -10.02
N ILE A 144 12.26 18.43 -10.69
CA ILE A 144 12.67 18.46 -12.09
C ILE A 144 11.47 18.50 -13.02
N GLY A 145 10.24 18.51 -12.48
CA GLY A 145 9.07 18.64 -13.30
C GLY A 145 8.34 17.35 -13.62
N THR A 146 8.77 16.21 -13.05
CA THR A 146 8.11 14.94 -13.31
C THR A 146 6.71 14.93 -12.70
N THR A 147 5.73 14.47 -13.48
CA THR A 147 4.39 14.25 -13.00
C THR A 147 3.85 12.97 -13.64
N TRP A 148 2.65 12.55 -13.26
CA TRP A 148 2.09 11.28 -13.72
C TRP A 148 0.56 11.32 -13.55
N GLY A 149 -0.11 10.24 -13.94
CA GLY A 149 -1.55 10.18 -13.94
C GLY A 149 -2.17 9.52 -12.72
N LEU A 150 -3.47 9.24 -12.85
CA LEU A 150 -4.29 8.82 -11.72
C LEU A 150 -3.86 7.44 -11.23
N GLY A 151 -3.85 7.26 -9.91
CA GLY A 151 -3.59 5.93 -9.36
C GLY A 151 -2.73 5.92 -8.10
N GLY A 152 -1.97 6.98 -7.86
CA GLY A 152 -1.22 7.08 -6.63
C GLY A 152 0.22 6.60 -6.77
N THR A 153 0.85 6.44 -5.61
CA THR A 153 2.30 6.24 -5.58
C THR A 153 2.65 4.85 -6.10
N CYS A 154 1.93 3.85 -5.65
CA CYS A 154 2.25 2.47 -6.01
C CYS A 154 2.10 2.22 -7.52
N VAL A 155 0.97 2.63 -8.08
CA VAL A 155 0.73 2.52 -9.53
C VAL A 155 1.83 3.21 -10.32
N ASN A 156 2.09 4.48 -10.00
CA ASN A 156 2.91 5.34 -10.85
C ASN A 156 4.40 5.35 -10.52
N VAL A 157 4.78 5.40 -9.24
CA VAL A 157 6.18 5.63 -8.87
C VAL A 157 6.53 4.75 -7.67
N GLY A 158 5.94 3.56 -7.62
CA GLY A 158 6.07 2.73 -6.43
C GLY A 158 6.04 1.25 -6.75
N CYS A 159 5.18 0.51 -6.04
CA CYS A 159 5.19 -0.95 -6.09
C CYS A 159 5.18 -1.50 -7.53
N ILE A 160 4.36 -0.93 -8.43
CA ILE A 160 4.17 -1.45 -9.78
C ILE A 160 5.45 -1.29 -10.60
N PRO A 161 5.94 -0.07 -10.87
CA PRO A 161 7.18 0.01 -11.66
C PRO A 161 8.37 -0.62 -10.96
N LYS A 162 8.42 -0.52 -9.63
CA LYS A 162 9.51 -1.11 -8.84
C LYS A 162 9.56 -2.61 -9.09
N LYS A 163 8.41 -3.27 -9.00
CA LYS A 163 8.44 -4.73 -9.17
C LYS A 163 8.74 -5.11 -10.62
N LEU A 164 8.29 -4.30 -11.58
CA LEU A 164 8.57 -4.63 -12.97
C LEU A 164 10.06 -4.48 -13.26
N MET A 165 10.71 -3.47 -12.68
CA MET A 165 12.15 -3.30 -12.87
C MET A 165 12.93 -4.36 -12.11
N HIS A 166 12.46 -4.73 -10.91
CA HIS A 166 12.92 -5.97 -10.28
C HIS A 166 12.87 -7.15 -11.24
N GLN A 167 11.74 -7.32 -11.91
CA GLN A 167 11.58 -8.44 -12.84
C GLN A 167 12.60 -8.36 -13.95
N ALA A 168 12.87 -7.14 -14.45
CA ALA A 168 13.87 -6.98 -15.49
C ALA A 168 15.24 -7.40 -14.98
N GLY A 169 15.51 -7.13 -13.70
CA GLY A 169 16.76 -7.56 -13.12
C GLY A 169 16.79 -9.07 -12.91
N LEU A 170 15.70 -9.65 -12.44
CA LEU A 170 15.69 -11.12 -12.28
C LEU A 170 15.97 -11.80 -13.63
N LEU A 171 15.42 -11.25 -14.71
CA LEU A 171 15.64 -11.86 -16.02
C LEU A 171 17.12 -11.89 -16.36
N SER A 172 17.91 -10.99 -15.78
CA SER A 172 19.34 -11.04 -15.97
C SER A 172 19.88 -12.39 -15.52
N HIS A 173 19.43 -12.83 -14.36
CA HIS A 173 19.91 -14.08 -13.80
C HIS A 173 19.26 -15.27 -14.48
N ALA A 174 18.05 -15.09 -15.04
CA ALA A 174 17.48 -16.11 -15.91
C ALA A 174 18.35 -16.31 -17.15
N LEU A 175 18.90 -15.24 -17.71
CA LEU A 175 19.78 -15.38 -18.87
C LEU A 175 21.04 -16.15 -18.52
N GLU A 176 21.62 -15.87 -17.34
CA GLU A 176 22.81 -16.61 -16.90
C GLU A 176 22.45 -18.08 -16.66
N ASP A 177 21.35 -18.31 -15.94
CA ASP A 177 20.92 -19.67 -15.65
C ASP A 177 20.62 -20.45 -16.93
N ALA A 178 20.10 -19.76 -17.95
CA ALA A 178 19.64 -20.45 -19.15
C ALA A 178 20.74 -21.30 -19.77
N GLU A 179 21.99 -20.85 -19.67
CA GLU A 179 23.10 -21.61 -20.26
C GLU A 179 23.29 -22.95 -19.56
N HIS A 180 23.25 -22.94 -18.24
CA HIS A 180 23.47 -24.18 -17.51
C HIS A 180 22.33 -25.18 -17.71
N PHE A 181 21.14 -24.70 -18.04
CA PHE A 181 20.04 -25.58 -18.38
C PHE A 181 20.01 -25.91 -19.87
N GLY A 182 21.07 -25.58 -20.60
CA GLY A 182 21.24 -26.06 -21.95
C GLY A 182 20.96 -25.07 -23.07
N TRP A 183 20.52 -23.86 -22.76
CA TRP A 183 20.23 -22.89 -23.82
C TRP A 183 21.54 -22.29 -24.33
N SER A 184 21.70 -22.28 -25.65
CA SER A 184 22.90 -21.68 -26.26
C SER A 184 22.59 -20.23 -26.57
N LEU A 185 23.34 -19.34 -25.93
CA LEU A 185 23.17 -17.92 -26.16
C LEU A 185 24.49 -17.24 -25.87
N ASP A 186 24.86 -16.29 -26.71
CA ASP A 186 26.14 -15.59 -26.57
C ASP A 186 25.95 -14.44 -25.59
N ARG A 187 26.27 -14.68 -24.31
CA ARG A 187 25.99 -13.70 -23.26
C ARG A 187 26.88 -12.46 -23.34
N SER A 188 27.95 -12.49 -24.12
CA SER A 188 28.82 -11.33 -24.24
C SER A 188 28.33 -10.33 -25.29
N LYS A 189 27.37 -10.70 -26.11
CA LYS A 189 26.71 -9.76 -27.01
C LYS A 189 25.29 -9.43 -26.54
N ILE A 190 25.05 -9.56 -25.25
CA ILE A 190 23.76 -9.22 -24.65
C ILE A 190 23.97 -8.01 -23.76
N SER A 191 23.14 -6.99 -23.96
CA SER A 191 23.17 -5.79 -23.15
C SER A 191 21.74 -5.39 -22.82
N HIS A 192 21.58 -4.53 -21.83
CA HIS A 192 20.24 -4.08 -21.47
C HIS A 192 20.01 -2.66 -21.94
N ASN A 193 18.80 -2.39 -22.44
CA ASN A 193 18.44 -1.05 -22.88
C ASN A 193 17.41 -0.43 -21.92
N TRP A 194 17.87 0.54 -21.11
CA TRP A 194 17.02 1.17 -20.12
C TRP A 194 15.75 1.72 -20.76
N SER A 195 15.89 2.41 -21.88
CA SER A 195 14.78 3.17 -22.40
C SER A 195 13.67 2.27 -22.94
N THR A 196 14.04 1.15 -23.55
CA THR A 196 13.04 0.14 -23.92
C THR A 196 12.27 -0.34 -22.69
N MET A 197 12.97 -0.65 -21.61
CA MET A 197 12.32 -1.11 -20.38
C MET A 197 11.38 -0.04 -19.85
N VAL A 198 11.88 1.19 -19.72
CA VAL A 198 11.02 2.24 -19.19
C VAL A 198 9.80 2.41 -20.07
N GLU A 199 9.94 2.26 -21.38
CA GLU A 199 8.78 2.45 -22.23
C GLU A 199 7.75 1.38 -21.99
N GLY A 200 8.16 0.12 -21.84
CA GLY A 200 7.17 -0.90 -21.53
C GLY A 200 6.50 -0.66 -20.18
N VAL A 201 7.31 -0.33 -19.15
CA VAL A 201 6.77 -0.03 -17.82
C VAL A 201 5.76 1.12 -17.90
N GLN A 202 6.13 2.20 -18.58
CA GLN A 202 5.25 3.37 -18.66
C GLN A 202 3.99 3.07 -19.46
N SER A 203 4.06 2.19 -20.46
CA SER A 203 2.85 1.84 -21.18
C SER A 203 1.90 1.03 -20.31
N HIS A 204 2.43 0.19 -19.41
CA HIS A 204 1.54 -0.50 -18.48
C HIS A 204 0.92 0.49 -17.48
N ILE A 205 1.74 1.36 -16.85
CA ILE A 205 1.18 2.38 -15.95
C ILE A 205 0.08 3.17 -16.66
N GLY A 206 0.36 3.58 -17.89
CA GLY A 206 -0.65 4.31 -18.66
C GLY A 206 -1.95 3.55 -18.77
N SER A 207 -1.87 2.25 -19.03
CA SER A 207 -3.09 1.46 -19.04
C SER A 207 -3.77 1.45 -17.68
N LEU A 208 -3.01 1.54 -16.58
CA LEU A 208 -3.65 1.63 -15.25
C LEU A 208 -4.28 3.02 -15.06
N ASN A 209 -3.57 4.08 -15.41
CA ASN A 209 -4.18 5.41 -15.32
C ASN A 209 -5.52 5.41 -16.03
N TRP A 210 -5.54 4.87 -17.25
CA TRP A 210 -6.77 4.83 -18.05
C TRP A 210 -7.80 3.90 -17.40
N GLY A 211 -7.35 2.73 -16.96
CA GLY A 211 -8.26 1.77 -16.37
C GLY A 211 -8.99 2.32 -15.16
N TYR A 212 -8.29 3.14 -14.36
CA TYR A 212 -8.91 3.76 -13.19
C TYR A 212 -9.93 4.82 -13.61
N LYS A 213 -9.55 5.68 -14.54
CA LYS A 213 -10.50 6.69 -15.02
C LYS A 213 -11.77 6.01 -15.51
N VAL A 214 -11.63 4.88 -16.21
CA VAL A 214 -12.77 4.17 -16.74
C VAL A 214 -13.58 3.58 -15.61
N ALA A 215 -12.89 2.97 -14.64
CA ALA A 215 -13.58 2.38 -13.51
C ALA A 215 -14.42 3.42 -12.78
N LEU A 216 -13.88 4.63 -12.59
CA LEU A 216 -14.59 5.70 -11.89
C LEU A 216 -15.84 6.13 -12.68
N ARG A 217 -15.69 6.39 -13.98
CA ARG A 217 -16.85 6.68 -14.81
C ARG A 217 -17.91 5.58 -14.69
N ASP A 218 -17.48 4.32 -14.78
CA ASP A 218 -18.45 3.23 -14.81
C ASP A 218 -19.18 3.02 -13.48
N ASN A 219 -18.65 3.55 -12.38
CA ASN A 219 -19.33 3.56 -11.09
C ASN A 219 -19.94 4.92 -10.78
N GLN A 220 -20.07 5.80 -11.77
CA GLN A 220 -20.70 7.11 -11.62
C GLN A 220 -20.00 7.99 -10.59
N VAL A 221 -18.74 7.73 -10.36
CA VAL A 221 -17.92 8.57 -9.50
C VAL A 221 -17.41 9.75 -10.31
N THR A 222 -17.47 10.95 -9.73
CA THR A 222 -16.89 12.12 -10.36
C THR A 222 -15.40 12.22 -10.07
N TYR A 223 -14.59 12.28 -11.12
CA TYR A 223 -13.15 12.39 -11.02
C TYR A 223 -12.75 13.82 -11.34
N LEU A 224 -12.08 14.48 -10.42
CA LEU A 224 -11.62 15.84 -10.61
C LEU A 224 -10.12 15.84 -10.45
N ASN A 225 -9.40 16.18 -11.53
CA ASN A 225 -7.96 16.34 -11.49
C ASN A 225 -7.70 17.75 -10.97
N ALA A 226 -7.76 17.89 -9.63
CA ALA A 226 -7.76 19.17 -8.96
C ALA A 226 -7.14 19.00 -7.58
N LYS A 227 -6.42 20.01 -7.14
CA LYS A 227 -5.85 19.99 -5.80
C LYS A 227 -6.95 20.37 -4.81
N GLY A 228 -7.23 19.51 -3.85
CA GLY A 228 -8.24 19.75 -2.84
C GLY A 228 -7.64 20.29 -1.56
N ARG A 229 -8.39 21.15 -0.87
CA ARG A 229 -7.99 21.72 0.41
C ARG A 229 -9.23 21.74 1.28
N LEU A 230 -9.15 21.11 2.46
CA LEU A 230 -10.31 21.00 3.34
C LEU A 230 -10.35 22.30 4.15
N ILE A 231 -11.36 23.14 3.89
CA ILE A 231 -11.44 24.46 4.55
C ILE A 231 -12.41 24.46 5.74
N SER A 232 -13.41 23.60 5.71
CA SER A 232 -14.27 23.37 6.88
C SER A 232 -14.65 21.89 6.87
N PRO A 233 -15.38 21.40 7.86
CA PRO A 233 -15.64 19.96 7.91
C PRO A 233 -16.30 19.41 6.67
N HIS A 234 -17.14 20.20 6.01
CA HIS A 234 -17.86 19.70 4.87
C HIS A 234 -17.50 20.40 3.55
N GLU A 235 -16.54 21.31 3.53
CA GLU A 235 -16.26 22.11 2.35
C GLU A 235 -14.85 21.85 1.87
N VAL A 236 -14.73 21.50 0.60
CA VAL A 236 -13.45 21.30 -0.05
C VAL A 236 -13.30 22.35 -1.14
N GLN A 237 -12.22 23.11 -1.05
CA GLN A 237 -11.85 24.04 -2.11
C GLN A 237 -10.94 23.34 -3.09
N ILE A 238 -11.22 23.52 -4.39
CA ILE A 238 -10.50 22.83 -5.45
C ILE A 238 -9.92 23.87 -6.40
N THR A 239 -8.67 23.64 -6.81
CA THR A 239 -7.99 24.45 -7.81
C THR A 239 -7.75 23.54 -9.00
N ASP A 240 -8.24 23.96 -10.18
CA ASP A 240 -8.12 23.12 -11.37
C ASP A 240 -6.82 23.43 -12.12
N LYS A 241 -6.66 22.81 -13.30
CA LYS A 241 -5.48 23.06 -14.13
C LYS A 241 -5.36 24.53 -14.47
N ASN A 242 -6.50 25.19 -14.72
CA ASN A 242 -6.53 26.59 -15.09
C ASN A 242 -6.33 27.52 -13.91
N GLN A 243 -6.11 26.98 -12.71
CA GLN A 243 -5.98 27.76 -11.49
C GLN A 243 -7.31 28.41 -11.09
N LYS A 244 -8.42 27.92 -11.63
CA LYS A 244 -9.75 28.36 -11.22
C LYS A 244 -10.16 27.70 -9.91
N VAL A 245 -10.63 28.51 -8.95
CA VAL A 245 -10.97 28.05 -7.60
C VAL A 245 -12.48 28.04 -7.43
N SER A 246 -13.00 26.93 -6.88
CA SER A 246 -14.39 26.79 -6.49
C SER A 246 -14.45 25.92 -5.23
N THR A 247 -15.67 25.63 -4.78
CA THR A 247 -15.90 24.95 -3.52
C THR A 247 -16.96 23.89 -3.72
N ILE A 248 -16.68 22.67 -3.28
CA ILE A 248 -17.68 21.63 -3.28
C ILE A 248 -17.88 21.16 -1.85
N THR A 249 -19.04 20.59 -1.61
CA THR A 249 -19.40 20.13 -0.28
C THR A 249 -19.71 18.65 -0.30
N GLY A 250 -19.38 17.98 0.80
CA GLY A 250 -19.64 16.56 0.94
C GLY A 250 -19.98 16.21 2.36
N ASN A 251 -20.76 15.16 2.53
CA ASN A 251 -21.10 14.71 3.87
C ASN A 251 -19.86 14.12 4.56
N LYS A 252 -19.37 12.98 4.08
CA LYS A 252 -18.14 12.38 4.57
C LYS A 252 -16.96 12.77 3.71
N ILE A 253 -15.82 12.95 4.35
CA ILE A 253 -14.56 13.26 3.70
C ILE A 253 -13.58 12.15 4.04
N ILE A 254 -12.87 11.65 3.02
CA ILE A 254 -11.76 10.74 3.24
C ILE A 254 -10.49 11.42 2.76
N LEU A 255 -9.54 11.58 3.66
CA LEU A 255 -8.21 12.08 3.34
C LEU A 255 -7.36 10.86 2.98
N ALA A 256 -6.81 10.85 1.77
CA ALA A 256 -6.02 9.73 1.29
C ALA A 256 -4.89 10.27 0.41
N THR A 257 -4.18 11.27 0.91
CA THR A 257 -3.26 12.05 0.09
C THR A 257 -1.83 11.53 0.13
N GLY A 258 -1.56 10.48 0.91
CA GLY A 258 -0.26 9.84 0.80
C GLY A 258 0.90 10.75 1.16
N GLU A 259 2.08 10.36 0.70
CA GLU A 259 3.32 11.02 1.07
C GLU A 259 4.16 11.26 -0.17
N ARG A 260 5.25 12.01 0.00
CA ARG A 260 6.21 12.25 -1.06
C ARG A 260 7.61 12.09 -0.51
N PRO A 261 8.60 11.88 -1.37
CA PRO A 261 9.97 11.66 -0.90
C PRO A 261 10.56 12.86 -0.19
N LYS A 262 11.39 12.58 0.81
CA LYS A 262 12.18 13.60 1.48
C LYS A 262 13.49 13.80 0.73
N TYR A 263 14.02 15.05 0.78
CA TYR A 263 15.43 15.29 0.45
C TYR A 263 16.23 15.65 1.69
N PRO A 264 17.49 15.26 1.75
CA PRO A 264 18.38 15.78 2.78
C PRO A 264 18.68 17.25 2.52
N GLU A 265 18.83 18.00 3.61
CA GLU A 265 19.10 19.43 3.55
C GLU A 265 20.60 19.63 3.38
N ILE A 266 21.06 19.38 2.16
CA ILE A 266 22.46 19.61 1.78
C ILE A 266 22.47 20.28 0.43
N PRO A 267 23.51 21.09 0.16
CA PRO A 267 23.58 21.79 -1.12
C PRO A 267 23.61 20.81 -2.26
N GLY A 268 22.86 21.13 -3.32
CA GLY A 268 22.85 20.33 -4.52
C GLY A 268 21.79 19.24 -4.54
N ALA A 269 21.20 18.88 -3.40
CA ALA A 269 20.34 17.71 -3.36
C ALA A 269 19.10 17.90 -4.24
N VAL A 270 18.35 18.99 -4.05
CA VAL A 270 17.11 19.19 -4.84
C VAL A 270 17.46 19.47 -6.30
N GLU A 271 18.55 20.21 -6.51
CA GLU A 271 18.90 20.64 -7.87
C GLU A 271 19.39 19.48 -8.73
N TYR A 272 20.18 18.58 -8.17
CA TYR A 272 20.90 17.60 -8.97
C TYR A 272 20.59 16.14 -8.67
N GLY A 273 20.03 15.84 -7.55
CA GLY A 273 19.61 14.48 -7.29
C GLY A 273 18.20 14.20 -7.78
N ILE A 274 17.81 12.93 -7.66
CA ILE A 274 16.47 12.52 -8.01
C ILE A 274 15.96 11.63 -6.86
N THR A 275 14.67 11.37 -6.86
CA THR A 275 14.08 10.36 -5.97
C THR A 275 13.42 9.24 -6.79
N SER A 276 12.85 8.25 -6.08
CA SER A 276 12.01 7.25 -6.75
C SER A 276 10.91 7.88 -7.61
N ASP A 277 10.37 9.03 -7.22
CA ASP A 277 9.36 9.70 -8.04
C ASP A 277 9.85 9.89 -9.47
N ASP A 278 11.15 10.17 -9.64
CA ASP A 278 11.71 10.43 -10.96
C ASP A 278 12.26 9.16 -11.60
N LEU A 279 12.66 8.18 -10.80
CA LEU A 279 13.43 7.06 -11.31
C LEU A 279 12.65 6.26 -12.33
N PHE A 280 11.38 6.02 -12.06
CA PHE A 280 10.65 5.01 -12.84
C PHE A 280 10.18 5.54 -14.19
N SER A 281 10.28 6.84 -14.44
CA SER A 281 10.06 7.37 -15.79
C SER A 281 11.30 8.06 -16.36
N LEU A 282 12.47 7.81 -15.79
CA LEU A 282 13.66 8.57 -16.17
C LEU A 282 13.96 8.39 -17.64
N PRO A 283 14.04 9.47 -18.42
CA PRO A 283 14.22 9.34 -19.88
C PRO A 283 15.64 8.98 -20.31
N TYR A 284 16.60 8.93 -19.40
CA TYR A 284 17.96 8.49 -19.70
C TYR A 284 18.33 7.37 -18.76
N PHE A 285 19.32 6.58 -19.14
CA PHE A 285 19.79 5.54 -18.24
C PHE A 285 20.54 6.18 -17.08
N PRO A 286 20.30 5.75 -15.82
CA PRO A 286 20.97 6.45 -14.72
C PRO A 286 22.46 6.35 -14.82
N GLY A 287 22.97 5.26 -15.36
CA GLY A 287 24.41 5.10 -15.44
C GLY A 287 24.96 4.78 -14.06
N LYS A 288 26.24 5.09 -13.86
CA LYS A 288 26.87 4.89 -12.54
C LYS A 288 26.10 5.68 -11.50
N THR A 289 25.57 4.97 -10.50
CA THR A 289 24.54 5.49 -9.63
C THR A 289 24.95 5.37 -8.17
N LEU A 290 24.65 6.40 -7.40
CA LEU A 290 24.72 6.37 -5.95
C LEU A 290 23.29 6.46 -5.42
N VAL A 291 22.92 5.51 -4.55
CA VAL A 291 21.66 5.55 -3.80
C VAL A 291 22.03 5.97 -2.39
N ILE A 292 21.41 7.05 -1.91
CA ILE A 292 21.62 7.51 -0.56
C ILE A 292 20.42 7.07 0.26
N GLY A 293 20.67 6.17 1.21
CA GLY A 293 19.62 5.63 2.03
C GLY A 293 19.76 4.14 2.20
N ALA A 294 18.94 3.58 3.10
CA ALA A 294 19.00 2.17 3.41
C ALA A 294 17.61 1.62 3.69
N SER A 295 16.58 2.33 3.28
CA SER A 295 15.22 1.84 3.35
C SER A 295 15.02 0.66 2.40
N TYR A 296 13.85 0.04 2.48
CA TYR A 296 13.55 -0.97 1.47
C TYR A 296 13.51 -0.35 0.08
N VAL A 297 13.13 0.93 -0.03
CA VAL A 297 13.16 1.58 -1.34
C VAL A 297 14.58 1.67 -1.86
N ALA A 298 15.49 2.11 -1.01
CA ALA A 298 16.88 2.29 -1.38
C ALA A 298 17.47 0.99 -1.90
N LEU A 299 17.26 -0.11 -1.14
CA LEU A 299 17.85 -1.38 -1.46
C LEU A 299 17.23 -2.01 -2.70
N GLU A 300 15.91 -1.92 -2.84
CA GLU A 300 15.24 -2.41 -4.04
C GLU A 300 15.74 -1.70 -5.29
N CYS A 301 15.87 -0.37 -5.23
CA CYS A 301 16.35 0.36 -6.40
C CYS A 301 17.80 0.01 -6.70
N ALA A 302 18.66 0.04 -5.67
CA ALA A 302 20.04 -0.34 -5.89
C ALA A 302 20.10 -1.70 -6.52
N GLY A 303 19.29 -2.63 -6.01
CA GLY A 303 19.37 -4.01 -6.45
C GLY A 303 19.04 -4.17 -7.91
N PHE A 304 17.92 -3.61 -8.37
CA PHE A 304 17.66 -3.86 -9.79
C PHE A 304 18.62 -3.10 -10.69
N LEU A 305 19.04 -1.89 -10.31
CA LEU A 305 20.03 -1.21 -11.14
C LEU A 305 21.29 -2.05 -11.28
N ALA A 306 21.70 -2.74 -10.21
CA ALA A 306 22.90 -3.58 -10.32
C ALA A 306 22.65 -4.78 -11.23
N SER A 307 21.49 -5.40 -11.13
CA SER A 307 21.20 -6.56 -11.99
C SER A 307 21.06 -6.16 -13.44
N LEU A 308 20.67 -4.95 -13.70
CA LEU A 308 20.65 -4.46 -15.07
C LEU A 308 22.04 -4.17 -15.60
N GLY A 309 23.08 -4.49 -14.84
CA GLY A 309 24.43 -4.22 -15.28
C GLY A 309 25.04 -2.93 -14.77
N GLY A 310 24.33 -2.18 -13.91
CA GLY A 310 24.81 -0.87 -13.52
C GLY A 310 25.92 -0.91 -12.46
N ASP A 311 26.70 0.18 -12.42
CA ASP A 311 27.72 0.39 -11.39
C ASP A 311 27.03 1.14 -10.25
N VAL A 312 26.82 0.46 -9.14
CA VAL A 312 25.85 0.94 -8.17
C VAL A 312 26.49 0.96 -6.80
N THR A 313 26.22 2.03 -6.08
CA THR A 313 26.76 2.21 -4.73
C THR A 313 25.64 2.67 -3.81
N VAL A 314 25.58 2.15 -2.60
CA VAL A 314 24.58 2.53 -1.62
C VAL A 314 25.29 3.17 -0.44
N MET A 315 24.93 4.41 -0.13
CA MET A 315 25.51 5.12 1.02
C MET A 315 24.60 4.94 2.22
N VAL A 316 25.15 4.39 3.29
CA VAL A 316 24.36 3.93 4.45
C VAL A 316 24.89 4.63 5.69
N ARG A 317 24.00 5.35 6.35
CA ARG A 317 24.38 6.18 7.49
C ARG A 317 24.69 5.31 8.71
N SER A 318 23.81 4.35 9.01
CA SER A 318 23.98 3.46 10.15
C SER A 318 23.67 1.97 9.97
N ILE A 319 22.42 1.62 9.73
CA ILE A 319 22.07 0.21 9.50
C ILE A 319 21.15 0.08 8.29
N LEU A 320 21.07 -1.16 7.77
CA LEU A 320 20.10 -1.51 6.73
C LEU A 320 18.70 -1.75 7.32
N LEU A 321 17.67 -1.28 6.61
CA LEU A 321 16.28 -1.68 6.89
C LEU A 321 15.91 -1.53 8.36
N ARG A 322 16.15 -0.34 8.91
CA ARG A 322 15.73 -0.05 10.28
C ARG A 322 14.26 -0.38 10.46
N GLY A 323 13.94 -1.02 11.57
CA GLY A 323 12.59 -1.47 11.83
C GLY A 323 12.29 -2.89 11.36
N PHE A 324 13.16 -3.47 10.56
CA PHE A 324 13.01 -4.87 10.17
C PHE A 324 13.96 -5.69 11.04
N ASP A 325 13.66 -6.99 11.08
CA ASP A 325 14.54 -7.97 11.70
C ASP A 325 15.95 -7.81 11.16
N GLN A 326 16.92 -7.58 12.06
CA GLN A 326 18.23 -7.15 11.61
C GLN A 326 19.09 -8.30 11.16
N GLN A 327 18.88 -9.52 11.70
CA GLN A 327 19.55 -10.68 11.11
C GLN A 327 19.17 -10.82 9.65
N MET A 328 17.89 -10.66 9.34
CA MET A 328 17.46 -10.78 7.96
C MET A 328 18.01 -9.63 7.12
N ALA A 329 17.99 -8.43 7.66
CA ALA A 329 18.50 -7.28 6.92
C ALA A 329 19.96 -7.49 6.56
N GLU A 330 20.76 -8.01 7.49
CA GLU A 330 22.15 -8.29 7.19
CA GLU A 330 22.16 -8.33 7.21
C GLU A 330 22.28 -9.34 6.09
N LYS A 331 21.44 -10.36 6.10
CA LYS A 331 21.56 -11.35 5.05
C LYS A 331 21.18 -10.76 3.69
N VAL A 332 20.17 -9.87 3.69
CA VAL A 332 19.76 -9.18 2.45
C VAL A 332 20.93 -8.37 1.92
N GLY A 333 21.61 -7.66 2.82
CA GLY A 333 22.72 -6.82 2.43
C GLY A 333 23.92 -7.62 1.97
N ASP A 334 24.20 -8.74 2.64
CA ASP A 334 25.33 -9.58 2.23
C ASP A 334 25.13 -10.14 0.83
N TYR A 335 23.92 -10.63 0.53
CA TYR A 335 23.65 -11.13 -0.82
C TYR A 335 23.92 -10.03 -1.84
N MET A 336 23.46 -8.81 -1.55
CA MET A 336 23.63 -7.72 -2.52
C MET A 336 25.10 -7.39 -2.75
N GLU A 337 25.87 -7.27 -1.67
CA GLU A 337 27.30 -6.99 -1.79
C GLU A 337 28.05 -8.10 -2.55
N ASN A 338 27.61 -9.34 -2.40
CA ASN A 338 28.20 -10.43 -3.15
C ASN A 338 27.76 -10.44 -4.60
N HIS A 339 26.73 -9.68 -4.96
CA HIS A 339 26.23 -9.64 -6.33
C HIS A 339 26.25 -8.24 -6.92
N GLY A 340 27.32 -7.51 -6.66
CA GLY A 340 27.59 -6.34 -7.44
C GLY A 340 27.13 -5.01 -6.89
N VAL A 341 26.52 -4.96 -5.70
CA VAL A 341 26.19 -3.68 -5.07
C VAL A 341 27.32 -3.32 -4.11
N LYS A 342 27.92 -2.13 -4.29
CA LYS A 342 28.91 -1.59 -3.37
C LYS A 342 28.25 -0.73 -2.32
N PHE A 343 28.77 -0.82 -1.10
CA PHE A 343 28.21 -0.17 0.05
C PHE A 343 29.25 0.77 0.66
N ALA A 344 28.88 2.02 0.84
CA ALA A 344 29.72 3.00 1.53
C ALA A 344 29.09 3.07 2.92
N LYS A 345 29.70 2.35 3.84
CA LYS A 345 29.12 2.10 5.16
C LYS A 345 29.50 3.18 6.16
N LEU A 346 28.56 3.53 7.05
CA LEU A 346 28.80 4.53 8.09
C LEU A 346 29.25 5.84 7.45
N CYS A 347 28.46 6.29 6.48
CA CYS A 347 28.82 7.40 5.62
C CYS A 347 27.58 8.27 5.41
N VAL A 348 27.76 9.58 5.38
CA VAL A 348 26.67 10.52 5.09
C VAL A 348 27.13 11.51 4.04
N PRO A 349 26.22 12.08 3.26
CA PRO A 349 26.57 13.04 2.20
C PRO A 349 26.61 14.44 2.78
N ASP A 350 27.56 15.26 2.30
CA ASP A 350 27.63 16.68 2.67
C ASP A 350 27.17 17.61 1.56
N GLU A 351 27.43 17.28 0.30
CA GLU A 351 27.02 18.14 -0.81
C GLU A 351 27.14 17.38 -2.11
N ILE A 352 26.26 17.76 -3.06
CA ILE A 352 26.29 17.30 -4.45
C ILE A 352 26.67 18.49 -5.32
N LYS A 353 27.70 18.34 -6.13
CA LYS A 353 28.08 19.36 -7.11
C LYS A 353 27.87 18.84 -8.51
N GLN A 354 27.49 19.74 -9.43
CA GLN A 354 27.21 19.33 -10.79
C GLN A 354 28.46 19.45 -11.65
N LEU A 355 28.75 18.40 -12.40
CA LEU A 355 29.84 18.35 -13.34
C LEU A 355 29.37 18.32 -14.79
N LYS A 356 28.17 17.82 -15.04
CA LYS A 356 27.58 17.77 -16.38
C LYS A 356 26.07 17.85 -16.23
N VAL A 357 25.46 18.65 -17.08
CA VAL A 357 24.01 18.81 -17.09
C VAL A 357 23.41 17.64 -17.85
N VAL A 358 22.22 17.22 -17.43
CA VAL A 358 21.51 16.15 -18.12
C VAL A 358 21.26 16.55 -19.58
N ASP A 359 21.63 15.67 -20.50
CA ASP A 359 21.46 15.84 -21.95
C ASP A 359 20.02 15.51 -22.30
N THR A 360 19.15 16.52 -22.29
CA THR A 360 17.73 16.25 -22.52
C THR A 360 17.41 15.83 -23.94
N GLU A 361 18.39 15.81 -24.85
CA GLU A 361 18.12 15.56 -26.25
C GLU A 361 18.88 14.37 -26.82
N ASN A 362 19.80 13.78 -26.06
CA ASN A 362 20.34 12.47 -26.39
C ASN A 362 20.02 11.44 -25.32
N ASN A 363 19.25 11.80 -24.30
CA ASN A 363 18.91 10.90 -23.21
C ASN A 363 20.17 10.22 -22.67
N LYS A 364 21.05 11.05 -22.12
CA LYS A 364 22.20 10.60 -21.35
C LYS A 364 22.17 11.28 -20.00
N PRO A 365 22.66 10.63 -18.96
CA PRO A 365 22.73 11.28 -17.65
C PRO A 365 23.76 12.39 -17.66
N GLY A 366 23.65 13.25 -16.66
CA GLY A 366 24.70 14.19 -16.34
C GLY A 366 25.84 13.53 -15.60
N LEU A 367 26.47 14.32 -14.73
CA LEU A 367 27.61 13.83 -13.95
C LEU A 367 27.71 14.67 -12.69
N LEU A 368 27.92 13.99 -11.56
CA LEU A 368 27.85 14.64 -10.27
C LEU A 368 29.04 14.24 -9.43
N LEU A 369 29.49 15.18 -8.60
CA LEU A 369 30.50 14.90 -7.58
C LEU A 369 29.79 14.90 -6.25
N VAL A 370 29.86 13.78 -5.54
CA VAL A 370 29.28 13.64 -4.21
C VAL A 370 30.41 13.70 -3.21
N LYS A 371 30.29 14.63 -2.28
CA LYS A 371 31.21 14.74 -1.15
C LYS A 371 30.44 14.37 0.11
N GLY A 372 31.12 13.62 0.98
CA GLY A 372 30.55 13.20 2.25
C GLY A 372 31.66 12.84 3.21
N HIS A 373 31.30 12.18 4.29
CA HIS A 373 32.32 11.77 5.26
C HIS A 373 31.86 10.52 5.98
N TYR A 374 32.82 9.64 6.22
CA TYR A 374 32.64 8.44 7.03
C TYR A 374 32.74 8.74 8.53
N THR A 375 32.18 7.83 9.36
CA THR A 375 32.28 7.99 10.81
C THR A 375 33.72 7.97 11.29
N ASP A 376 34.62 7.35 10.54
CA ASP A 376 36.03 7.31 10.95
C ASP A 376 36.78 8.58 10.54
N GLY A 377 36.06 9.55 9.99
CA GLY A 377 36.63 10.84 9.63
C GLY A 377 37.19 10.93 8.23
N LYS A 378 37.35 9.82 7.53
CA LYS A 378 37.87 9.95 6.18
C LYS A 378 36.81 10.55 5.28
N LYS A 379 37.26 11.28 4.26
CA LYS A 379 36.33 11.93 3.35
C LYS A 379 35.87 10.96 2.29
N PHE A 380 34.61 11.12 1.88
CA PHE A 380 34.03 10.45 0.73
C PHE A 380 34.01 11.44 -0.43
N GLU A 381 34.60 11.08 -1.54
CA GLU A 381 34.51 11.96 -2.71
C GLU A 381 34.55 11.09 -3.94
N GLU A 382 33.47 11.11 -4.71
CA GLU A 382 33.37 10.17 -5.81
C GLU A 382 32.35 10.73 -6.80
N GLU A 383 32.59 10.47 -8.09
CA GLU A 383 31.74 10.90 -9.19
C GLU A 383 30.65 9.88 -9.51
N PHE A 384 29.44 10.36 -9.73
CA PHE A 384 28.31 9.54 -10.14
C PHE A 384 27.53 10.23 -11.25
N GLU A 385 27.00 9.41 -12.14
CA GLU A 385 26.08 9.96 -13.15
C GLU A 385 24.72 10.25 -12.58
N THR A 386 24.24 9.48 -11.62
CA THR A 386 22.93 9.73 -11.03
C THR A 386 23.02 9.55 -9.53
N VAL A 387 22.36 10.41 -8.79
CA VAL A 387 22.30 10.31 -7.34
C VAL A 387 20.83 10.24 -6.97
N ILE A 388 20.46 9.15 -6.30
CA ILE A 388 19.09 8.88 -5.89
C ILE A 388 18.98 8.96 -4.38
N PHE A 389 18.09 9.82 -3.90
CA PHE A 389 17.77 9.93 -2.50
C PHE A 389 16.59 9.01 -2.14
N ALA A 390 16.79 8.18 -1.14
CA ALA A 390 15.71 7.38 -0.55
C ALA A 390 15.92 7.39 0.97
N VAL A 391 15.67 8.56 1.54
CA VAL A 391 15.88 8.89 2.95
C VAL A 391 14.53 9.10 3.61
N GLY A 392 13.50 8.50 3.05
CA GLY A 392 12.22 8.47 3.72
C GLY A 392 11.23 9.39 3.04
N ARG A 393 10.00 9.37 3.56
CA ARG A 393 8.87 9.97 2.91
C ARG A 393 8.10 10.73 3.98
N GLU A 394 7.33 11.74 3.58
CA GLU A 394 6.56 12.51 4.55
C GLU A 394 5.22 12.99 3.99
N PRO A 395 4.21 13.19 4.86
CA PRO A 395 2.92 13.69 4.37
C PRO A 395 2.98 15.18 4.09
N GLN A 396 2.05 15.64 3.28
CA GLN A 396 2.06 17.03 2.80
C GLN A 396 0.78 17.75 3.22
N LEU A 397 0.39 17.66 4.50
CA LEU A 397 -0.99 17.94 4.86
C LEU A 397 -1.28 19.42 5.04
N SER A 398 -0.30 20.22 5.43
CA SER A 398 -0.51 21.67 5.36
C SER A 398 -0.98 22.12 3.98
N LYS A 399 -0.73 21.33 2.94
CA LYS A 399 -1.20 21.62 1.59
C LYS A 399 -2.64 21.17 1.37
N VAL A 400 -3.26 20.55 2.36
CA VAL A 400 -4.55 19.91 2.19
C VAL A 400 -5.49 20.34 3.32
N LEU A 401 -4.92 20.63 4.46
CA LEU A 401 -5.67 20.83 5.70
C LEU A 401 -5.48 22.26 6.16
N CYS A 402 -6.54 23.06 6.06
CA CYS A 402 -6.62 24.25 6.87
C CYS A 402 -6.54 23.87 8.34
N GLU A 403 -5.62 24.49 9.06
CA GLU A 403 -5.43 24.19 10.48
C GLU A 403 -6.67 24.50 11.31
N THR A 404 -7.59 25.31 10.78
CA THR A 404 -8.78 25.66 11.54
C THR A 404 -9.84 24.57 11.55
N VAL A 405 -9.71 23.54 10.73
CA VAL A 405 -10.77 22.55 10.68
C VAL A 405 -10.77 21.68 11.91
N GLY A 406 -9.63 21.52 12.57
CA GLY A 406 -9.55 20.73 13.79
C GLY A 406 -9.19 19.27 13.62
N VAL A 407 -8.55 18.91 12.51
CA VAL A 407 -8.01 17.57 12.31
C VAL A 407 -6.65 17.50 12.99
N LYS A 408 -6.55 16.66 14.02
CA LYS A 408 -5.31 16.53 14.79
C LYS A 408 -4.29 15.70 14.03
N LEU A 409 -3.12 16.28 13.83
CA LEU A 409 -1.91 15.63 13.34
C LEU A 409 -0.96 15.33 14.49
N ASP A 410 -0.03 14.42 14.24
CA ASP A 410 0.96 14.06 15.23
C ASP A 410 2.28 14.77 14.93
N LYS A 411 3.32 14.36 15.66
CA LYS A 411 4.68 14.89 15.52
C LYS A 411 5.15 14.94 14.07
N ASN A 412 4.92 13.85 13.33
CA ASN A 412 5.44 13.71 11.98
C ASN A 412 4.51 14.23 10.93
N GLY A 413 3.42 14.90 11.33
CA GLY A 413 2.48 15.41 10.36
C GLY A 413 1.45 14.41 9.86
N ARG A 414 1.33 13.26 10.53
CA ARG A 414 0.35 12.25 10.14
C ARG A 414 -0.92 12.41 10.96
N VAL A 415 -2.00 11.84 10.44
CA VAL A 415 -3.33 12.09 10.97
C VAL A 415 -3.58 11.11 12.12
N VAL A 416 -4.05 11.63 13.25
CA VAL A 416 -4.29 10.80 14.43
C VAL A 416 -5.71 10.26 14.34
N CYS A 417 -5.84 8.95 14.29
CA CYS A 417 -7.11 8.30 14.00
C CYS A 417 -7.50 7.28 15.06
N THR A 418 -8.79 7.10 15.18
CA THR A 418 -9.36 6.00 15.93
C THR A 418 -9.24 4.74 15.09
N ASP A 419 -9.57 3.62 15.71
CA ASP A 419 -9.40 2.36 15.00
CA ASP A 419 -9.44 2.34 15.02
C ASP A 419 -10.48 2.14 13.92
N ASP A 420 -11.37 3.08 13.69
CA ASP A 420 -12.24 3.03 12.52
C ASP A 420 -11.89 4.15 11.52
N GLU A 421 -10.67 4.67 11.60
CA GLU A 421 -10.10 5.66 10.68
C GLU A 421 -10.68 7.08 10.88
N GLN A 422 -11.48 7.32 11.93
CA GLN A 422 -12.07 8.64 12.13
C GLN A 422 -11.04 9.63 12.67
N THR A 423 -10.94 10.80 12.04
CA THR A 423 -10.11 11.86 12.59
C THR A 423 -10.83 12.54 13.76
N THR A 424 -10.22 13.62 14.27
CA THR A 424 -10.88 14.39 15.30
C THR A 424 -12.07 15.19 14.76
N VAL A 425 -12.23 15.27 13.45
CA VAL A 425 -13.43 15.81 12.84
C VAL A 425 -14.27 14.63 12.38
N SER A 426 -15.47 14.52 12.95
CA SER A 426 -16.20 13.25 13.00
C SER A 426 -16.67 12.73 11.64
N ASN A 427 -16.84 13.59 10.67
CA ASN A 427 -17.22 13.19 9.32
C ASN A 427 -16.00 13.03 8.42
N VAL A 428 -14.81 13.27 8.96
CA VAL A 428 -13.55 13.24 8.20
C VAL A 428 -12.76 12.03 8.68
N TYR A 429 -12.30 11.23 7.72
CA TYR A 429 -11.59 9.98 7.94
C TYR A 429 -10.24 10.06 7.22
N ALA A 430 -9.26 9.29 7.68
CA ALA A 430 -7.97 9.19 6.96
C ALA A 430 -7.56 7.74 6.77
N ILE A 431 -7.12 7.42 5.56
CA ILE A 431 -6.65 6.08 5.23
C ILE A 431 -5.29 6.15 4.55
N GLY A 432 -4.60 5.03 4.58
CA GLY A 432 -3.37 4.91 3.83
C GLY A 432 -2.20 5.40 4.63
N ASP A 433 -1.19 5.88 3.90
CA ASP A 433 0.09 6.26 4.51
C ASP A 433 -0.01 7.42 5.50
N ILE A 434 -1.03 8.29 5.40
CA ILE A 434 -1.12 9.42 6.36
C ILE A 434 -1.82 9.07 7.66
N ASN A 435 -2.35 7.87 7.77
CA ASN A 435 -2.96 7.43 9.01
C ASN A 435 -1.86 7.03 9.98
N ALA A 436 -1.62 7.87 11.00
CA ALA A 436 -0.48 7.68 11.90
C ALA A 436 -0.49 6.28 12.49
N GLY A 437 0.69 5.66 12.50
CA GLY A 437 0.90 4.41 13.21
C GLY A 437 0.57 3.13 12.45
N LYS A 438 0.08 3.24 11.23
CA LYS A 438 -0.31 2.06 10.47
C LYS A 438 0.78 1.64 9.47
N PRO A 439 0.82 0.34 9.14
CA PRO A 439 1.76 -0.12 8.11
C PRO A 439 1.49 0.59 6.79
N GLN A 440 2.53 1.16 6.22
CA GLN A 440 2.39 1.95 5.00
C GLN A 440 2.50 1.06 3.75
N LEU A 441 1.38 0.47 3.35
CA LEU A 441 1.36 -0.59 2.34
C LEU A 441 0.09 -0.47 1.53
N THR A 442 0.18 -0.73 0.25
CA THR A 442 -0.96 -0.54 -0.64
C THR A 442 -2.15 -1.42 -0.27
N PRO A 443 -1.98 -2.70 0.03
CA PRO A 443 -3.15 -3.53 0.35
C PRO A 443 -3.79 -3.17 1.67
N VAL A 444 -3.03 -2.67 2.63
CA VAL A 444 -3.60 -2.05 3.83
C VAL A 444 -4.49 -0.86 3.45
N ALA A 445 -3.96 0.04 2.64
CA ALA A 445 -4.75 1.20 2.26
C ALA A 445 -6.05 0.79 1.58
N ILE A 446 -5.99 -0.22 0.70
CA ILE A 446 -7.18 -0.69 -0.01
C ILE A 446 -8.18 -1.30 0.96
N GLN A 447 -7.73 -2.19 1.83
CA GLN A 447 -8.64 -2.84 2.75
C GLN A 447 -9.28 -1.80 3.68
N ALA A 448 -8.47 -0.85 4.15
CA ALA A 448 -8.97 0.24 4.99
C ALA A 448 -10.08 1.00 4.27
N GLY A 449 -9.80 1.43 3.05
CA GLY A 449 -10.73 2.29 2.32
C GLY A 449 -12.01 1.56 1.99
N ARG A 450 -11.92 0.30 1.58
CA ARG A 450 -13.12 -0.45 1.23
C ARG A 450 -13.97 -0.78 2.47
N TYR A 451 -13.31 -1.20 3.56
CA TYR A 451 -14.04 -1.55 4.76
C TYR A 451 -14.66 -0.29 5.41
N LEU A 452 -13.96 0.82 5.36
CA LEU A 452 -14.52 2.08 5.82
C LEU A 452 -15.75 2.46 4.99
N ALA A 453 -15.64 2.38 3.66
CA ALA A 453 -16.79 2.73 2.82
C ALA A 453 -18.01 1.89 3.18
N ARG A 454 -17.79 0.62 3.52
CA ARG A 454 -18.91 -0.24 3.88
C ARG A 454 -19.53 0.16 5.21
N ARG A 455 -18.70 0.58 6.16
CA ARG A 455 -19.22 1.03 7.44
C ARG A 455 -20.01 2.32 7.25
N LEU A 456 -19.53 3.22 6.38
CA LEU A 456 -20.21 4.50 6.21
C LEU A 456 -21.55 4.33 5.52
N PHE A 457 -21.62 3.47 4.51
CA PHE A 457 -22.73 3.55 3.57
C PHE A 457 -23.50 2.25 3.42
N ALA A 458 -23.09 1.19 4.10
CA ALA A 458 -23.82 -0.07 4.06
C ALA A 458 -24.00 -0.68 5.44
N GLY A 459 -23.86 0.09 6.52
CA GLY A 459 -24.08 -0.42 7.87
C GLY A 459 -23.17 -1.55 8.32
N ALA A 460 -22.02 -1.76 7.68
CA ALA A 460 -21.12 -2.80 8.17
C ALA A 460 -20.44 -2.34 9.43
N THR A 461 -19.94 -3.31 10.21
CA THR A 461 -19.17 -3.00 11.40
C THR A 461 -17.72 -3.46 11.34
N GLU A 462 -17.37 -4.33 10.41
CA GLU A 462 -16.03 -4.89 10.41
C GLU A 462 -14.95 -3.82 10.28
N LEU A 463 -13.99 -3.86 11.20
CA LEU A 463 -12.83 -3.01 11.16
C LEU A 463 -11.67 -3.67 10.41
N THR A 464 -10.72 -2.84 9.96
CA THR A 464 -9.48 -3.33 9.36
C THR A 464 -8.53 -3.77 10.46
N ASP A 465 -7.98 -4.97 10.31
CA ASP A 465 -7.04 -5.52 11.25
C ASP A 465 -5.63 -5.23 10.75
N TYR A 466 -4.92 -4.38 11.47
CA TYR A 466 -3.59 -3.94 11.09
C TYR A 466 -2.48 -4.78 11.70
N SER A 467 -2.81 -5.85 12.42
CA SER A 467 -1.82 -6.67 13.08
C SER A 467 -1.33 -7.81 12.20
N ASN A 468 -0.03 -8.12 12.33
CA ASN A 468 0.57 -9.25 11.62
C ASN A 468 0.41 -9.09 10.10
N VAL A 469 0.59 -7.87 9.62
CA VAL A 469 0.47 -7.59 8.20
C VAL A 469 1.79 -8.01 7.55
N ALA A 470 1.71 -8.95 6.61
CA ALA A 470 2.91 -9.45 5.95
C ALA A 470 3.43 -8.41 4.97
N THR A 471 4.75 -8.49 4.72
CA THR A 471 5.48 -7.61 3.81
C THR A 471 6.40 -8.46 2.93
N THR A 472 6.81 -7.89 1.82
CA THR A 472 7.97 -8.39 1.10
C THR A 472 8.81 -7.26 0.54
N VAL A 473 10.11 -7.41 0.74
CA VAL A 473 11.12 -6.53 0.20
C VAL A 473 11.69 -7.21 -1.03
N PHE A 474 11.52 -6.56 -2.18
CA PHE A 474 11.89 -7.10 -3.48
C PHE A 474 13.31 -6.72 -3.86
N THR A 475 14.20 -7.05 -2.95
CA THR A 475 15.62 -6.97 -3.20
C THR A 475 16.01 -8.10 -4.14
N PRO A 476 17.25 -8.11 -4.63
CA PRO A 476 17.64 -9.13 -5.59
C PRO A 476 17.40 -10.54 -5.07
N LEU A 477 17.75 -10.83 -3.83
CA LEU A 477 17.16 -11.95 -3.09
C LEU A 477 16.06 -11.37 -2.20
N GLU A 478 14.83 -11.76 -2.49
CA GLU A 478 13.64 -11.22 -1.84
C GLU A 478 13.55 -11.66 -0.38
N TYR A 479 12.93 -10.80 0.45
CA TYR A 479 12.77 -11.07 1.87
C TYR A 479 11.31 -10.86 2.26
N GLY A 480 10.64 -11.92 2.67
CA GLY A 480 9.25 -11.83 3.10
C GLY A 480 9.17 -12.04 4.60
N ALA A 481 8.21 -11.37 5.25
CA ALA A 481 8.08 -11.45 6.69
C ALA A 481 6.63 -11.25 7.07
N CYS A 482 6.23 -11.90 8.17
CA CYS A 482 4.92 -11.69 8.73
C CYS A 482 5.05 -11.83 10.23
N GLY A 483 4.70 -10.76 10.95
CA GLY A 483 4.69 -10.76 12.40
C GLY A 483 5.95 -10.11 12.94
N LEU A 484 6.37 -10.52 14.11
CA LEU A 484 7.44 -9.84 14.81
C LEU A 484 8.84 -10.24 14.34
N SER A 485 9.77 -9.28 14.38
CA SER A 485 11.18 -9.59 14.31
C SER A 485 11.56 -10.39 15.55
N GLU A 486 12.66 -11.12 15.43
CA GLU A 486 13.18 -11.87 16.56
C GLU A 486 13.51 -10.95 17.73
N GLU A 487 14.21 -9.84 17.47
CA GLU A 487 14.54 -8.92 18.56
C GLU A 487 13.31 -8.31 19.20
N ASP A 488 12.24 -8.02 18.44
CA ASP A 488 11.04 -7.45 19.07
C ASP A 488 10.30 -8.48 19.92
N ALA A 489 10.32 -9.74 19.50
CA ALA A 489 9.72 -10.80 20.31
C ALA A 489 10.45 -10.96 21.63
N ILE A 490 11.78 -11.05 21.57
CA ILE A 490 12.60 -11.13 22.78
C ILE A 490 12.33 -9.92 23.68
N GLU A 491 12.37 -8.72 23.12
CA GLU A 491 12.11 -7.55 23.96
C GLU A 491 10.75 -7.65 24.63
N LYS A 492 9.75 -8.20 23.92
CA LYS A 492 8.40 -8.18 24.45
C LYS A 492 8.18 -9.24 25.52
N TYR A 493 8.71 -10.43 25.29
CA TYR A 493 8.35 -11.58 26.10
C TYR A 493 9.51 -12.11 26.93
N GLY A 494 10.73 -11.67 26.64
CA GLY A 494 11.91 -12.17 27.27
C GLY A 494 12.55 -13.32 26.53
N ASP A 495 13.88 -13.34 26.58
CA ASP A 495 14.63 -14.32 25.82
C ASP A 495 14.30 -15.73 26.22
N LYS A 496 13.92 -15.96 27.47
CA LYS A 496 13.69 -17.31 27.92
C LYS A 496 12.37 -17.85 27.40
N ASP A 497 11.47 -16.97 26.99
CA ASP A 497 10.18 -17.41 26.50
C ASP A 497 10.13 -17.50 24.96
N ILE A 498 11.26 -17.35 24.26
CA ILE A 498 11.30 -17.34 22.79
C ILE A 498 12.13 -18.51 22.31
N GLU A 499 11.55 -19.29 21.41
CA GLU A 499 12.29 -20.32 20.69
C GLU A 499 12.30 -19.98 19.21
N VAL A 500 13.44 -20.12 18.55
CA VAL A 500 13.56 -19.80 17.14
C VAL A 500 14.01 -21.05 16.37
N TYR A 501 13.15 -21.53 15.46
CA TYR A 501 13.50 -22.62 14.56
C TYR A 501 14.00 -22.03 13.24
N HIS A 502 14.99 -22.63 12.64
CA HIS A 502 15.46 -21.93 11.44
C HIS A 502 16.21 -22.89 10.54
N SER A 503 16.41 -22.66 9.30
CA SER A 503 17.15 -23.49 8.38
C SER A 503 17.61 -22.63 7.19
N ASN A 504 18.80 -22.91 6.70
CA ASN A 504 19.10 -22.60 5.32
C ASN A 504 18.35 -23.56 4.39
N PHE A 505 18.31 -23.19 3.11
CA PHE A 505 17.78 -24.03 2.05
C PHE A 505 18.34 -23.53 0.73
N LYS A 506 18.17 -24.34 -0.31
CA LYS A 506 18.68 -24.04 -1.62
C LYS A 506 17.55 -24.31 -2.60
N PRO A 507 17.08 -23.32 -3.33
CA PRO A 507 16.07 -23.59 -4.35
C PRO A 507 16.61 -24.65 -5.29
N LEU A 508 15.76 -25.60 -5.64
CA LEU A 508 16.15 -26.60 -6.65
C LEU A 508 16.64 -25.91 -7.91
N GLU A 509 15.98 -24.83 -8.29
CA GLU A 509 16.39 -24.08 -9.49
C GLU A 509 17.83 -23.61 -9.43
N TRP A 510 18.39 -23.41 -8.23
CA TRP A 510 19.76 -22.94 -8.09
C TRP A 510 20.82 -24.04 -8.25
N THR A 511 20.43 -25.30 -8.27
CA THR A 511 21.41 -26.39 -8.25
C THR A 511 22.14 -26.47 -9.58
N VAL A 512 21.42 -26.81 -10.64
CA VAL A 512 22.02 -26.88 -11.97
C VAL A 512 22.62 -25.54 -12.37
N ALA A 513 22.06 -24.46 -11.85
CA ALA A 513 22.51 -23.11 -12.15
C ALA A 513 23.79 -22.72 -11.42
N HIS A 514 24.28 -23.55 -10.48
CA HIS A 514 25.53 -23.30 -9.77
C HIS A 514 25.46 -22.06 -8.86
N ARG A 515 24.31 -21.78 -8.24
CA ARG A 515 24.19 -20.69 -7.29
C ARG A 515 24.42 -21.22 -5.87
N GLU A 516 24.28 -20.35 -4.88
CA GLU A 516 24.80 -20.60 -3.55
C GLU A 516 24.00 -21.63 -2.73
N ASP A 517 24.72 -22.53 -2.06
CA ASP A 517 24.13 -23.22 -0.91
C ASP A 517 24.06 -22.22 0.26
N ASN A 518 23.22 -22.53 1.25
CA ASN A 518 23.23 -21.90 2.56
C ASN A 518 23.29 -20.38 2.50
N VAL A 519 22.58 -19.79 1.55
CA VAL A 519 22.28 -18.35 1.58
C VAL A 519 20.79 -18.08 1.83
N CYS A 520 19.91 -18.70 1.06
CA CYS A 520 18.50 -18.59 1.43
C CYS A 520 18.30 -19.12 2.85
N TYR A 521 17.26 -18.63 3.52
CA TYR A 521 17.19 -18.85 4.95
C TYR A 521 15.77 -18.54 5.43
N MET A 522 15.29 -19.31 6.40
CA MET A 522 13.98 -19.06 6.95
C MET A 522 14.02 -19.33 8.44
N LYS A 523 13.12 -18.67 9.18
CA LYS A 523 13.04 -18.90 10.59
C LYS A 523 11.62 -18.63 11.04
N LEU A 524 11.20 -19.38 12.06
CA LEU A 524 9.99 -19.11 12.81
C LEU A 524 10.38 -18.72 14.24
N VAL A 525 9.89 -17.57 14.67
CA VAL A 525 10.11 -17.03 16.03
C VAL A 525 8.86 -17.39 16.81
N CYS A 526 9.01 -18.24 17.83
CA CYS A 526 7.86 -18.80 18.53
C CYS A 526 7.91 -18.45 20.01
N ARG A 527 6.74 -18.52 20.70
CA ARG A 527 6.62 -18.22 22.14
C ARG A 527 6.44 -19.52 22.92
N LYS A 528 7.42 -19.86 23.74
CA LYS A 528 7.40 -21.16 24.40
C LYS A 528 6.14 -21.33 25.26
N SER A 529 5.79 -20.29 26.02
CA SER A 529 4.70 -20.37 26.99
C SER A 529 3.30 -20.27 26.39
N ASP A 530 3.19 -19.97 25.10
CA ASP A 530 1.90 -19.96 24.42
C ASP A 530 1.86 -21.04 23.36
N ASN A 531 2.20 -22.28 23.72
CA ASN A 531 2.09 -23.45 22.84
C ASN A 531 2.95 -23.31 21.58
N MET A 532 4.08 -22.65 21.70
CA MET A 532 4.97 -22.40 20.57
C MET A 532 4.24 -21.64 19.46
N ARG A 533 3.45 -20.65 19.86
CA ARG A 533 2.74 -19.77 18.95
C ARG A 533 3.76 -19.12 18.03
N VAL A 534 3.45 -19.08 16.73
CA VAL A 534 4.35 -18.43 15.78
C VAL A 534 4.12 -16.93 15.89
N LEU A 535 5.13 -16.21 16.42
CA LEU A 535 5.08 -14.76 16.56
C LEU A 535 5.63 -14.03 15.33
N GLY A 536 6.56 -14.65 14.62
CA GLY A 536 7.01 -14.06 13.37
C GLY A 536 7.61 -15.13 12.49
N LEU A 537 7.41 -14.96 11.20
CA LEU A 537 7.93 -15.83 10.13
C LEU A 537 8.79 -14.97 9.21
N HIS A 538 9.93 -15.50 8.78
CA HIS A 538 10.90 -14.73 8.02
C HIS A 538 11.50 -15.65 6.98
N VAL A 539 11.54 -15.21 5.72
CA VAL A 539 12.15 -16.03 4.66
C VAL A 539 12.90 -15.16 3.67
N LEU A 540 14.13 -15.55 3.40
CA LEU A 540 14.96 -14.95 2.39
C LEU A 540 15.12 -15.97 1.28
N GLY A 541 14.68 -15.60 0.09
CA GLY A 541 14.73 -16.47 -1.05
C GLY A 541 13.88 -15.98 -2.20
N PRO A 542 13.98 -16.65 -3.35
CA PRO A 542 13.15 -16.27 -4.50
C PRO A 542 11.66 -16.44 -4.22
N ASN A 543 10.84 -15.60 -4.86
CA ASN A 543 9.38 -15.68 -4.74
C ASN A 543 8.90 -15.55 -3.29
N ALA A 544 9.63 -14.75 -2.50
CA ALA A 544 9.38 -14.73 -1.07
C ALA A 544 8.00 -14.20 -0.75
N GLY A 545 7.46 -13.35 -1.62
CA GLY A 545 6.10 -12.86 -1.42
C GLY A 545 5.05 -13.94 -1.65
N GLU A 546 5.28 -14.79 -2.66
CA GLU A 546 4.39 -15.90 -2.87
C GLU A 546 4.51 -16.87 -1.69
N ILE A 547 5.74 -17.11 -1.22
CA ILE A 547 5.92 -18.03 -0.09
C ILE A 547 5.14 -17.54 1.13
N THR A 548 5.29 -16.26 1.46
CA THR A 548 4.85 -15.73 2.75
C THR A 548 3.34 -15.57 2.82
N GLN A 549 2.70 -15.18 1.71
CA GLN A 549 1.31 -14.72 1.78
C GLN A 549 0.40 -15.72 2.50
N GLY A 550 0.45 -17.00 2.11
CA GLY A 550 -0.48 -17.97 2.65
C GLY A 550 -0.31 -18.19 4.14
N TYR A 551 0.93 -18.18 4.60
CA TYR A 551 1.21 -18.29 6.03
C TYR A 551 0.64 -17.13 6.84
N ALA A 552 0.42 -15.98 6.21
CA ALA A 552 -0.14 -14.86 6.95
C ALA A 552 -1.56 -15.16 7.39
N VAL A 553 -2.31 -15.97 6.62
CA VAL A 553 -3.64 -16.41 7.05
C VAL A 553 -3.53 -17.29 8.29
N ALA A 554 -2.62 -18.24 8.23
CA ALA A 554 -2.42 -19.13 9.37
C ALA A 554 -1.97 -18.37 10.61
N ILE A 555 -1.05 -17.41 10.44
CA ILE A 555 -0.61 -16.63 11.60
C ILE A 555 -1.77 -15.82 12.16
N LYS A 556 -2.61 -15.28 11.28
CA LYS A 556 -3.75 -14.52 11.80
C LYS A 556 -4.71 -15.42 12.59
N MET A 557 -4.78 -16.69 12.23
CA MET A 557 -5.57 -17.69 12.92
C MET A 557 -4.90 -18.22 14.18
N GLY A 558 -3.71 -17.76 14.52
CA GLY A 558 -3.06 -18.26 15.73
C GLY A 558 -2.22 -19.50 15.54
N ALA A 559 -1.62 -19.69 14.36
CA ALA A 559 -0.80 -20.88 14.11
C ALA A 559 0.29 -21.05 15.17
N THR A 560 0.53 -22.33 15.54
CA THR A 560 1.64 -22.74 16.39
C THR A 560 2.65 -23.50 15.54
N LYS A 561 3.82 -23.76 16.12
CA LYS A 561 4.81 -24.63 15.49
C LYS A 561 4.20 -25.98 15.13
N ALA A 562 3.27 -26.47 15.94
CA ALA A 562 2.72 -27.80 15.65
C ALA A 562 1.81 -27.76 14.44
N ASP A 563 1.16 -26.62 14.17
CA ASP A 563 0.36 -26.48 12.96
C ASP A 563 1.23 -26.53 11.70
N PHE A 564 2.41 -25.92 11.75
CA PHE A 564 3.35 -26.02 10.64
C PHE A 564 3.80 -27.47 10.45
N ASP A 565 4.12 -28.15 11.55
CA ASP A 565 4.69 -29.51 11.48
C ASP A 565 3.68 -30.51 10.92
N ARG A 566 2.43 -30.44 11.39
CA ARG A 566 1.37 -31.34 10.95
C ARG A 566 1.12 -31.19 9.47
N THR A 567 1.41 -30.04 8.90
CA THR A 567 1.12 -29.78 7.49
C THR A 567 2.15 -30.46 6.60
N ILE A 568 1.69 -31.07 5.51
CA ILE A 568 2.60 -31.77 4.60
C ILE A 568 3.14 -30.82 3.53
N GLY A 569 4.45 -30.88 3.30
CA GLY A 569 5.05 -30.08 2.24
C GLY A 569 4.55 -30.43 0.84
N ILE A 570 4.67 -29.43 -0.04
CA ILE A 570 4.63 -29.59 -1.51
C ILE A 570 6.07 -29.65 -2.03
N HIS A 571 6.35 -30.68 -2.80
CA HIS A 571 7.72 -30.90 -3.23
C HIS A 571 7.78 -30.97 -4.74
N PRO A 572 8.78 -30.34 -5.37
CA PRO A 572 9.81 -29.50 -4.78
C PRO A 572 9.45 -28.01 -4.78
N THR A 573 9.47 -27.41 -3.59
CA THR A 573 9.30 -25.97 -3.44
C THR A 573 10.24 -25.46 -2.38
N CYS A 574 10.49 -24.15 -2.41
CA CYS A 574 11.17 -23.50 -1.30
C CYS A 574 10.26 -23.47 -0.06
N SER A 575 8.99 -23.17 -0.25
CA SER A 575 8.10 -22.98 0.91
C SER A 575 7.95 -24.21 1.80
N GLU A 576 8.09 -25.42 1.26
CA GLU A 576 7.86 -26.64 2.06
C GLU A 576 8.83 -26.74 3.23
N THR A 577 9.97 -26.06 3.16
CA THR A 577 10.92 -26.15 4.26
C THR A 577 10.34 -25.61 5.57
N PHE A 578 9.32 -24.74 5.51
CA PHE A 578 8.66 -24.29 6.75
C PHE A 578 7.94 -25.43 7.46
N THR A 579 7.67 -26.53 6.76
CA THR A 579 6.92 -27.66 7.33
C THR A 579 7.80 -28.70 8.00
N THR A 580 9.12 -28.56 7.94
CA THR A 580 10.03 -29.55 8.52
C THR A 580 11.12 -28.91 9.36
N LEU A 581 10.91 -27.70 9.86
CA LEU A 581 11.96 -27.05 10.61
C LEU A 581 12.13 -27.75 11.95
N HIS A 582 13.37 -27.96 12.32
CA HIS A 582 13.66 -28.62 13.59
C HIS A 582 14.84 -28.04 14.35
N VAL A 583 15.79 -27.37 13.72
CA VAL A 583 16.94 -26.85 14.43
C VAL A 583 16.52 -25.56 15.14
N THR A 584 16.74 -25.50 16.46
CA THR A 584 16.56 -24.24 17.19
C THR A 584 17.87 -23.48 17.32
N LYS A 585 17.75 -22.17 17.53
CA LYS A 585 18.91 -21.34 17.75
C LYS A 585 19.57 -21.68 19.07
N LYS A 586 18.77 -21.81 20.13
CA LYS A 586 19.34 -22.11 21.45
C LYS A 586 20.14 -23.40 21.47
N SER A 587 19.85 -24.32 20.55
CA SER A 587 20.59 -25.57 20.49
C SER A 587 22.01 -25.38 19.99
N GLY A 588 22.34 -24.20 19.46
CA GLY A 588 23.62 -23.98 18.86
C GLY A 588 23.87 -24.75 17.58
N VAL A 589 22.99 -25.70 17.23
CA VAL A 589 23.23 -26.49 16.03
C VAL A 589 23.16 -25.60 14.78
N SER A 590 23.99 -25.89 13.80
CA SER A 590 24.06 -25.02 12.63
C SER A 590 22.82 -25.19 11.74
N PRO A 591 22.30 -24.10 11.19
CA PRO A 591 21.16 -24.20 10.27
C PRO A 591 21.51 -24.65 8.86
N ILE A 592 22.79 -24.72 8.49
CA ILE A 592 23.16 -25.11 7.13
C ILE A 592 22.61 -26.51 6.82
N VAL A 593 22.41 -26.79 5.54
CA VAL A 593 21.87 -28.09 5.12
C VAL A 593 22.72 -28.66 3.98
PA FAD B . -0.94 7.44 -2.50
O1A FAD B . 0.40 8.20 -2.47
O2A FAD B . -0.81 6.17 -3.31
O5B FAD B . -2.13 8.44 -3.22
C5B FAD B . -2.26 9.77 -2.72
C4B FAD B . -2.80 10.67 -3.95
O4B FAD B . -3.28 11.83 -3.54
C3B FAD B . -1.62 11.00 -4.83
O3B FAD B . -1.97 10.90 -6.17
C2B FAD B . -1.29 12.47 -4.43
O2B FAD B . -0.50 13.22 -5.48
C1B FAD B . -2.48 12.95 -4.36
N9A FAD B . -2.62 14.18 -3.56
C8A FAD B . -1.82 14.61 -2.53
N7A FAD B . -2.36 15.76 -2.07
C5A FAD B . -3.47 15.99 -2.81
C6A FAD B . -4.36 17.01 -2.76
N6A FAD B . -4.34 18.14 -1.86
N1A FAD B . -5.39 17.08 -3.59
C2A FAD B . -5.57 16.09 -4.50
N3A FAD B . -4.68 15.07 -4.57
C4A FAD B . -3.63 15.03 -3.73
N1 FAD B . 3.41 -0.86 -0.90
C2 FAD B . 3.17 -2.30 -1.05
O2 FAD B . 2.25 -2.81 -0.51
N3 FAD B . 4.07 -3.13 -1.88
C4 FAD B . 5.21 -2.59 -2.56
O4 FAD B . 5.93 -3.28 -3.25
C4X FAD B . 5.45 -1.15 -2.40
N5 FAD B . 6.57 -0.58 -3.07
C5X FAD B . 6.87 0.89 -2.95
C6 FAD B . 7.97 1.46 -3.62
C7 FAD B . 8.22 2.81 -3.48
C7M FAD B . 9.46 3.25 -4.26
C8 FAD B . 7.34 3.61 -2.68
C8M FAD B . 7.62 5.18 -2.51
C9 FAD B . 6.25 3.06 -2.06
C9A FAD B . 6.01 1.68 -2.16
N10 FAD B . 4.86 1.09 -1.45
C10 FAD B . 4.56 -0.32 -1.58
C1' FAD B . 3.97 1.94 -0.61
C2' FAD B . 2.67 2.25 -1.37
O2' FAD B . 2.95 2.96 -2.54
C3' FAD B . 1.85 3.14 -0.46
O3' FAD B . 1.69 2.48 0.79
C4' FAD B . 0.54 3.47 -1.17
O4' FAD B . 0.67 3.87 -2.56
C5' FAD B . -0.04 4.66 -0.42
O5' FAD B . -1.45 4.71 -0.78
P FAD B . -2.25 6.03 -0.25
O1P FAD B . -3.68 5.86 -0.61
O2P FAD B . -1.97 6.27 1.19
O3P FAD B . -1.52 7.34 -0.96
H51A FAD B . -1.39 10.10 -2.43
H52A FAD B . -2.88 9.79 -1.98
H4B FAD B . -3.47 10.19 -4.46
H3B FAD B . -0.86 10.43 -4.62
HO3A FAD B . -1.30 11.08 -6.67
H2B FAD B . -0.86 12.50 -3.55
HO2A FAD B . -0.32 14.00 -5.20
H1B FAD B . -2.85 13.06 -5.25
H8A FAD B . -1.06 14.20 -2.21
H61A FAD B . -5.04 18.31 -1.38
H62A FAD B . -3.64 18.65 -1.81
H2A FAD B . -6.30 16.13 -5.09
HN3 FAD B . 3.89 -3.98 -1.95
H6 FAD B . 8.45 0.83 -4.10
HM71 FAD B . 9.37 2.95 -5.19
HM72 FAD B . 10.25 2.87 -3.86
HM73 FAD B . 9.51 4.22 -4.26
HM81 FAD B . 7.39 5.64 -3.33
HM82 FAD B . 8.55 5.33 -2.30
HM83 FAD B . 7.06 5.52 -1.78
H9 FAD B . 5.88 3.77 -1.59
H1'1 FAD B . 4.43 2.77 -0.43
H1'2 FAD B . 3.78 1.48 0.22
H2' FAD B . 2.18 1.43 -1.57
HO2' FAD B . 3.33 2.44 -3.10
H3' FAD B . 2.34 3.96 -0.31
H4' FAD B . -0.08 2.71 -1.11
HO4' FAD B . -0.10 3.92 -2.90
H5'1 FAD B . 0.05 4.53 0.53
H5'2 FAD B . 0.40 5.47 -0.69
O1 PG4 C . 7.03 -4.38 24.50
C1 PG4 C . 7.56 -3.21 23.95
C2 PG4 C . 7.71 -3.39 22.44
O2 PG4 C . 8.90 -4.08 22.16
C3 PG4 C . 9.11 -4.62 20.88
C4 PG4 C . 8.59 -3.75 19.72
O3 PG4 C . 7.37 -4.26 19.23
C5 PG4 C . 7.00 -3.87 17.94
C6 PG4 C . 5.53 -3.47 17.94
O4 PG4 C . 4.71 -4.62 17.96
C7 PG4 C . 3.52 -4.54 18.71
C8 PG4 C . 2.90 -5.92 18.84
O5 PG4 C . 2.14 -6.01 20.01
HO1 PG4 C . 6.28 -4.21 24.84
H11 PG4 C . 8.43 -3.02 24.35
H12 PG4 C . 6.96 -2.46 24.13
H21 PG4 C . 7.73 -2.52 22.02
H22 PG4 C . 6.95 -3.89 22.10
H31 PG4 C . 8.65 -5.48 20.83
H32 PG4 C . 10.05 -4.77 20.76
H41 PG4 C . 9.24 -3.77 19.01
H42 PG4 C . 8.47 -2.84 20.02
H51 PG4 C . 7.54 -3.11 17.68
H52 PG4 C . 7.15 -4.60 17.31
H61 PG4 C . 5.33 -2.95 17.15
H62 PG4 C . 5.34 -2.93 18.73
H71 PG4 C . 2.89 -3.93 18.27
H72 PG4 C . 3.73 -4.20 19.60
H81 PG4 C . 2.34 -6.10 18.07
H82 PG4 C . 3.61 -6.59 18.87
HO5 PG4 C . 2.13 -6.81 20.30
C10 FXH D . 26.02 -5.79 4.66
C13 FXH D . 27.84 -4.18 8.82
C15 FXH D . 25.48 -1.13 5.50
C03 FXH D . 25.71 -5.00 6.94
C04 FXH D . 25.60 -5.27 8.44
C05 FXH D . 25.62 -3.71 6.45
C06 FXH D . 25.75 -3.47 5.08
C07 FXH D . 25.91 -6.04 6.02
C08 FXH D . 25.95 -4.52 4.18
C09 FXH D . 25.43 -2.67 7.33
C11 FXH D . 25.67 -2.19 4.60
C12 FXH D . 27.43 -6.50 9.36
C14 FXH D . 25.36 -1.37 6.85
N02 FXH D . 26.84 -5.17 9.21
O01 FXH D . 26.00 -7.36 6.49
H101 FXH D . 26.16 -6.50 4.08
H131 FXH D . 28.13 -4.36 7.91
H132 FXH D . 27.44 -3.29 8.87
H133 FXH D . 28.59 -4.23 9.41
H151 FXH D . 25.42 -0.26 5.17
H041 FXH D . 24.96 -4.64 8.81
H042 FXH D . 25.23 -6.16 8.56
H081 FXH D . 26.02 -4.34 3.27
H091 FXH D . 25.36 -2.84 8.24
H111 FXH D . 25.75 -2.01 3.68
H122 FXH D . 27.60 -6.86 8.47
H123 FXH D . 26.80 -7.09 9.82
H121 FXH D . 28.25 -6.44 9.86
H141 FXH D . 25.22 -0.67 7.44
H011 FXH D . 26.71 -7.72 6.16
C1 PGE E . -2.61 19.57 -13.37
O1 PGE E . -2.49 19.41 -14.76
C2 PGE E . -4.01 20.11 -13.06
O2 PGE E . -4.15 20.52 -11.72
C3 PGE E . -3.41 21.65 -11.31
C4 PGE E . -3.80 22.06 -9.89
O4 PGE E . -2.24 24.33 -7.03
C6 PGE E . -1.76 23.26 -7.80
C5 PGE E . -1.99 23.50 -9.29
O3 PGE E . -3.35 23.36 -9.62
H1 PGE E . -2.49 18.71 -12.93
H12 PGE E . -1.94 20.19 -13.06
HO1 PGE E . -1.87 18.85 -14.92
H2 PGE E . -4.65 19.41 -13.24
H22 PGE E . -4.19 20.87 -13.63
H3 PGE E . -3.59 22.38 -11.92
H32 PGE E . -2.47 21.44 -11.34
H4 PGE E . -3.38 21.45 -9.27
H42 PGE E . -4.76 22.02 -9.78
HO4 PGE E . -3.09 24.31 -7.03
H6 PGE E . -2.22 22.44 -7.53
H62 PGE E . -0.81 23.15 -7.64
H5 PGE E . -1.48 22.86 -9.80
H52 PGE E . -1.71 24.40 -9.51
CA CA F . 5.53 -31.56 7.94
#